data_9HUP
#
_entry.id   9HUP
#
_cell.length_a   74.332
_cell.length_b   90.498
_cell.length_c   83.100
_cell.angle_alpha   90.00
_cell.angle_beta   115.43
_cell.angle_gamma   90.00
#
_symmetry.space_group_name_H-M   'P 1 21 1'
#
loop_
_entity.id
_entity.type
_entity.pdbx_description
1 polymer 'Pteridine reductase'
2 non-polymer 'NADPH DIHYDRO-NICOTINAMIDE-ADENINE-DINUCLEOTIDE PHOSPHATE'
3 non-polymer 2-azanyl-~{N}-[2-(3,4-dichlorophenyl)ethyl]-1,3-benzothiazole-6-carboxamide
4 non-polymer 1,2-ETHANEDIOL
5 water water
#
_entity_poly.entity_id   1
_entity_poly.type   'polypeptide(L)'
_entity_poly.pdbx_seq_one_letter_code
;MGSSHHHHHHSSGLVPRGSHMMEAPAAVVTGAAKRIGRAIAVKLHQTGYRVVIHYHNSAEAAVSLADELNKERSNTAVVC
QADLTNSNVLPASCEEIINSCFRAFGRCDVLVNNASAFYPTPLVQGDHEDNSNGKTVETQVAELIGTNAIAPFLLTMSFA
QRQKGTNPNCTSSNLSIVNLCDAMVDQP(CSX)MAFSLYNMGKHALVGLTQSAALELAPYGIRVNGVAPGVSLLPVAMGE
EEKDKWRRKVPLGRREASAEQIADAVIFLVSGSAQYITGSIIKVDGGLSLVHA
;
_entity_poly.pdbx_strand_id   A,B,C,D
#
loop_
_chem_comp.id
_chem_comp.type
_chem_comp.name
_chem_comp.formula
A1IXO non-polymer 2-azanyl-~{N}-[2-(3,4-dichlorophenyl)ethyl]-1,3-benzothiazole-6-carboxamide 'C16 H13 Cl2 N3 O S'
EDO non-polymer 1,2-ETHANEDIOL 'C2 H6 O2'
NDP non-polymer 'NADPH DIHYDRO-NICOTINAMIDE-ADENINE-DINUCLEOTIDE PHOSPHATE' 'C21 H30 N7 O17 P3'
#
# COMPACT_ATOMS: atom_id res chain seq x y z
N GLU A 23 -32.98 24.46 -4.28
CA GLU A 23 -32.58 24.33 -5.70
C GLU A 23 -31.61 23.17 -5.88
N ALA A 24 -31.33 22.84 -7.15
CA ALA A 24 -30.50 21.72 -7.53
C ALA A 24 -29.02 22.04 -7.26
N PRO A 25 -28.25 21.05 -6.74
CA PRO A 25 -26.80 21.23 -6.58
C PRO A 25 -26.13 21.37 -7.95
N ALA A 26 -24.91 21.90 -7.95
CA ALA A 26 -24.09 22.09 -9.15
C ALA A 26 -22.71 21.43 -9.01
N ALA A 27 -22.19 20.89 -10.12
CA ALA A 27 -20.89 20.23 -10.20
C ALA A 27 -20.05 20.79 -11.34
N VAL A 28 -18.74 20.95 -11.10
CA VAL A 28 -17.77 21.13 -12.16
C VAL A 28 -17.17 19.77 -12.53
N VAL A 29 -17.19 19.44 -13.83
CA VAL A 29 -16.44 18.27 -14.29
C VAL A 29 -15.42 18.72 -15.32
N THR A 30 -14.12 18.44 -15.07
CA THR A 30 -13.02 18.82 -15.96
C THR A 30 -12.89 17.77 -17.07
N GLY A 31 -12.49 18.25 -18.26
CA GLY A 31 -12.37 17.45 -19.46
C GLY A 31 -13.62 16.62 -19.73
N ALA A 32 -14.79 17.27 -19.71
CA ALA A 32 -16.07 16.56 -19.69
C ALA A 32 -16.69 16.51 -21.09
N ALA A 33 -15.98 16.90 -22.15
CA ALA A 33 -16.63 16.93 -23.45
C ALA A 33 -16.85 15.50 -23.98
N LYS A 34 -15.93 14.60 -23.62
CA LYS A 34 -15.93 13.26 -24.22
C LYS A 34 -15.63 12.21 -23.16
N ARG A 35 -15.86 10.96 -23.55
CA ARG A 35 -15.35 9.77 -22.87
C ARG A 35 -15.79 9.76 -21.40
N ILE A 36 -14.87 9.56 -20.47
CA ILE A 36 -15.29 9.32 -19.09
C ILE A 36 -15.84 10.60 -18.47
N GLY A 37 -15.23 11.75 -18.80
CA GLY A 37 -15.74 12.99 -18.22
C GLY A 37 -17.20 13.27 -18.61
N ARG A 38 -17.53 12.97 -19.87
CA ARG A 38 -18.88 13.17 -20.37
C ARG A 38 -19.82 12.24 -19.62
N ALA A 39 -19.40 10.99 -19.45
CA ALA A 39 -20.22 10.02 -18.78
C ALA A 39 -20.50 10.46 -17.35
N ILE A 40 -19.52 11.11 -16.70
CA ILE A 40 -19.67 11.62 -15.35
C ILE A 40 -20.65 12.81 -15.35
N ALA A 41 -20.45 13.76 -16.26
CA ALA A 41 -21.35 14.91 -16.35
C ALA A 41 -22.79 14.44 -16.59
N VAL A 42 -22.97 13.49 -17.52
CA VAL A 42 -24.29 13.00 -17.88
C VAL A 42 -24.95 12.41 -16.64
N LYS A 43 -24.22 11.55 -15.92
CA LYS A 43 -24.78 10.86 -14.78
C LYS A 43 -25.06 11.87 -13.66
N LEU A 44 -24.19 12.87 -13.46
CA LEU A 44 -24.51 13.86 -12.42
C LEU A 44 -25.78 14.60 -12.84
N HIS A 45 -25.88 14.91 -14.13
CA HIS A 45 -27.05 15.62 -14.62
C HIS A 45 -28.33 14.81 -14.41
N GLN A 46 -28.30 13.51 -14.74
CA GLN A 46 -29.45 12.64 -14.57
C GLN A 46 -29.84 12.48 -13.09
N THR A 47 -28.89 12.69 -12.17
CA THR A 47 -29.12 12.58 -10.74
C THR A 47 -29.68 13.90 -10.19
N GLY A 48 -29.83 14.90 -11.06
CA GLY A 48 -30.41 16.18 -10.70
C GLY A 48 -29.41 17.31 -10.50
N TYR A 49 -28.14 17.14 -10.94
CA TYR A 49 -27.18 18.23 -10.81
C TYR A 49 -27.19 19.12 -12.04
N ARG A 50 -26.92 20.41 -11.80
CA ARG A 50 -26.46 21.35 -12.81
C ARG A 50 -24.96 21.21 -13.00
N VAL A 51 -24.50 21.28 -14.26
CA VAL A 51 -23.12 20.90 -14.57
C VAL A 51 -22.41 22.00 -15.36
N VAL A 52 -21.16 22.26 -14.96
CA VAL A 52 -20.20 22.94 -15.79
C VAL A 52 -19.38 21.87 -16.53
N ILE A 53 -19.46 21.91 -17.86
CA ILE A 53 -18.66 21.07 -18.75
C ILE A 53 -17.38 21.82 -19.12
N HIS A 54 -16.27 21.47 -18.44
CA HIS A 54 -14.99 22.06 -18.77
C HIS A 54 -14.40 21.31 -19.96
N TYR A 55 -13.79 22.08 -20.87
CA TYR A 55 -13.11 21.47 -21.99
C TYR A 55 -11.90 22.32 -22.32
N HIS A 56 -11.01 21.76 -23.12
CA HIS A 56 -9.85 22.50 -23.57
C HIS A 56 -9.99 22.74 -25.08
N ASN A 57 -9.79 21.69 -25.89
CA ASN A 57 -9.82 21.74 -27.34
C ASN A 57 -11.17 21.32 -27.94
N SER A 58 -11.94 20.52 -27.19
CA SER A 58 -13.12 19.86 -27.73
C SER A 58 -14.37 20.73 -27.64
N ALA A 59 -14.34 21.90 -28.32
CA ALA A 59 -15.42 22.88 -28.29
C ALA A 59 -16.71 22.32 -28.86
N GLU A 60 -16.64 21.74 -30.06
CA GLU A 60 -17.86 21.23 -30.67
C GLU A 60 -18.54 20.25 -29.72
N ALA A 61 -17.76 19.28 -29.21
CA ALA A 61 -18.30 18.20 -28.39
C ALA A 61 -18.88 18.71 -27.08
N ALA A 62 -18.22 19.70 -26.44
CA ALA A 62 -18.70 20.32 -25.22
C ALA A 62 -20.06 20.99 -25.43
N VAL A 63 -20.17 21.80 -26.49
CA VAL A 63 -21.37 22.59 -26.69
C VAL A 63 -22.51 21.61 -27.02
N SER A 64 -22.19 20.59 -27.84
CA SER A 64 -23.16 19.55 -28.15
C SER A 64 -23.73 18.90 -26.88
N LEU A 65 -22.85 18.56 -25.93
CA LEU A 65 -23.33 17.88 -24.73
C LEU A 65 -24.17 18.85 -23.91
N ALA A 66 -23.72 20.11 -23.76
CA ALA A 66 -24.51 21.06 -22.96
C ALA A 66 -25.90 21.23 -23.57
N ASP A 67 -25.95 21.25 -24.90
CA ASP A 67 -27.19 21.38 -25.65
C ASP A 67 -28.14 20.26 -25.27
N GLU A 68 -27.67 19.01 -25.42
CA GLU A 68 -28.42 17.81 -25.07
C GLU A 68 -28.99 17.91 -23.65
N LEU A 69 -28.16 18.39 -22.71
CA LEU A 69 -28.54 18.37 -21.30
C LEU A 69 -29.55 19.49 -21.05
N ASN A 70 -29.32 20.62 -21.70
CA ASN A 70 -30.21 21.79 -21.62
C ASN A 70 -31.59 21.47 -22.19
N LYS A 71 -31.64 20.69 -23.29
CA LYS A 71 -32.92 20.28 -23.86
C LYS A 71 -33.67 19.37 -22.88
N GLU A 72 -32.94 18.75 -21.94
CA GLU A 72 -33.53 17.81 -21.01
C GLU A 72 -34.10 18.57 -19.81
N ARG A 73 -33.35 19.57 -19.34
CA ARG A 73 -33.82 20.56 -18.39
C ARG A 73 -33.10 21.84 -18.77
N SER A 74 -33.83 22.94 -18.97
CA SER A 74 -33.18 24.13 -19.46
C SER A 74 -32.41 24.84 -18.35
N ASN A 75 -31.34 25.54 -18.74
CA ASN A 75 -30.57 26.34 -17.80
C ASN A 75 -29.82 25.43 -16.82
N THR A 76 -29.43 24.23 -17.26
CA THR A 76 -28.80 23.32 -16.31
C THR A 76 -27.36 22.95 -16.68
N ALA A 77 -26.88 23.32 -17.87
CA ALA A 77 -25.53 22.99 -18.30
C ALA A 77 -24.85 24.22 -18.93
N VAL A 78 -23.64 24.55 -18.48
CA VAL A 78 -22.75 25.49 -19.15
C VAL A 78 -21.44 24.81 -19.54
N VAL A 79 -20.76 25.37 -20.54
CA VAL A 79 -19.40 24.99 -20.89
C VAL A 79 -18.45 26.02 -20.29
N CYS A 80 -17.15 25.66 -20.21
CA CYS A 80 -16.08 26.53 -19.71
C CYS A 80 -14.76 26.07 -20.32
N GLN A 81 -14.07 26.96 -21.03
CA GLN A 81 -12.86 26.54 -21.71
C GLN A 81 -11.67 26.97 -20.85
N ALA A 82 -10.67 26.08 -20.71
CA ALA A 82 -9.43 26.38 -20.02
C ALA A 82 -8.37 25.35 -20.39
N ASP A 83 -7.15 25.84 -20.68
CA ASP A 83 -5.98 24.98 -20.71
C ASP A 83 -5.55 24.70 -19.27
N LEU A 84 -5.26 23.42 -18.95
CA LEU A 84 -4.89 23.03 -17.59
C LEU A 84 -3.43 22.65 -17.50
N THR A 85 -2.68 22.97 -18.57
CA THR A 85 -1.24 22.93 -18.58
C THR A 85 -0.76 23.85 -17.45
N ASN A 86 0.32 23.46 -16.77
CA ASN A 86 0.91 24.28 -15.73
C ASN A 86 1.48 25.56 -16.34
N SER A 87 1.23 26.69 -15.68
CA SER A 87 1.91 27.93 -16.02
C SER A 87 1.62 28.89 -14.88
N ASN A 88 2.14 30.11 -15.01
CA ASN A 88 1.88 31.12 -13.99
C ASN A 88 0.43 31.60 -13.98
N VAL A 89 -0.31 31.33 -15.07
CA VAL A 89 -1.71 31.69 -15.14
C VAL A 89 -2.61 30.50 -14.81
N LEU A 90 -2.04 29.31 -14.61
CA LEU A 90 -2.92 28.20 -14.28
C LEU A 90 -3.78 28.51 -13.06
N PRO A 91 -3.28 29.13 -11.96
CA PRO A 91 -4.14 29.44 -10.83
C PRO A 91 -5.36 30.29 -11.20
N ALA A 92 -5.12 31.33 -12.00
CA ALA A 92 -6.24 32.15 -12.47
C ALA A 92 -7.25 31.32 -13.26
N SER A 93 -6.75 30.45 -14.15
CA SER A 93 -7.64 29.64 -14.95
C SER A 93 -8.50 28.72 -14.09
N CYS A 94 -7.88 28.12 -13.06
CA CYS A 94 -8.63 27.22 -12.19
C CYS A 94 -9.65 28.01 -11.36
N GLU A 95 -9.23 29.18 -10.85
CA GLU A 95 -10.15 30.06 -10.14
C GLU A 95 -11.35 30.39 -11.02
N GLU A 96 -11.10 30.61 -12.32
CA GLU A 96 -12.14 31.05 -13.25
C GLU A 96 -13.09 29.89 -13.50
N ILE A 97 -12.57 28.66 -13.57
CA ILE A 97 -13.45 27.50 -13.76
C ILE A 97 -14.43 27.43 -12.60
N ILE A 98 -13.91 27.54 -11.37
CA ILE A 98 -14.79 27.50 -10.22
C ILE A 98 -15.77 28.68 -10.26
N ASN A 99 -15.27 29.87 -10.61
CA ASN A 99 -16.13 31.05 -10.68
C ASN A 99 -17.25 30.85 -11.68
N SER A 100 -16.97 30.16 -12.79
CA SER A 100 -17.97 29.85 -13.82
C SER A 100 -19.17 29.14 -13.23
N CYS A 101 -18.92 28.23 -12.27
CA CYS A 101 -20.01 27.50 -11.64
C CYS A 101 -20.84 28.45 -10.78
N PHE A 102 -20.19 29.33 -10.02
CA PHE A 102 -20.94 30.23 -9.16
C PHE A 102 -21.73 31.22 -10.00
N ARG A 103 -21.17 31.65 -11.14
CA ARG A 103 -21.80 32.61 -12.03
C ARG A 103 -23.03 31.99 -12.68
N ALA A 104 -22.94 30.72 -13.10
CA ALA A 104 -24.06 30.10 -13.79
C ALA A 104 -25.16 29.71 -12.81
N PHE A 105 -24.77 29.17 -11.63
CA PHE A 105 -25.73 28.39 -10.87
C PHE A 105 -25.78 28.86 -9.42
N GLY A 106 -24.87 29.74 -9.02
CA GLY A 106 -24.99 30.36 -7.71
C GLY A 106 -24.40 29.51 -6.60
N ARG A 107 -23.72 28.43 -6.98
CA ARG A 107 -23.19 27.50 -5.99
C ARG A 107 -22.34 26.48 -6.73
N CYS A 108 -21.49 25.76 -5.97
CA CYS A 108 -20.63 24.71 -6.51
C CYS A 108 -20.46 23.63 -5.43
N ASP A 109 -21.13 22.48 -5.64
CA ASP A 109 -21.25 21.47 -4.60
C ASP A 109 -20.21 20.36 -4.79
N VAL A 110 -19.83 20.13 -6.06
CA VAL A 110 -19.03 18.95 -6.40
C VAL A 110 -17.99 19.36 -7.45
N LEU A 111 -16.75 18.92 -7.24
CA LEU A 111 -15.68 19.08 -8.22
C LEU A 111 -15.17 17.69 -8.60
N VAL A 112 -15.19 17.38 -9.90
CA VAL A 112 -14.60 16.13 -10.40
C VAL A 112 -13.37 16.51 -11.21
N ASN A 113 -12.17 16.09 -10.74
CA ASN A 113 -10.91 16.29 -11.42
C ASN A 113 -10.66 15.11 -12.36
N ASN A 114 -11.12 15.26 -13.61
CA ASN A 114 -11.16 14.20 -14.61
C ASN A 114 -10.14 14.45 -15.73
N ALA A 115 -9.97 15.73 -16.11
CA ALA A 115 -9.07 16.12 -17.21
C ALA A 115 -7.69 15.54 -17.01
N SER A 116 -7.08 14.99 -18.07
CA SER A 116 -5.83 14.29 -17.96
C SER A 116 -5.07 14.22 -19.29
N ALA A 117 -3.78 14.61 -19.27
CA ALA A 117 -2.86 14.31 -20.38
C ALA A 117 -2.24 12.95 -20.16
N PHE A 118 -2.01 12.20 -21.24
CA PHE A 118 -1.50 10.86 -21.13
C PHE A 118 -0.68 10.51 -22.37
N TYR A 119 0.65 10.41 -22.18
CA TYR A 119 1.55 10.05 -23.26
C TYR A 119 2.90 9.62 -22.69
N PRO A 120 3.67 8.81 -23.45
CA PRO A 120 4.99 8.36 -23.01
C PRO A 120 6.02 9.48 -22.93
N THR A 121 6.84 9.45 -21.86
CA THR A 121 7.98 10.34 -21.71
C THR A 121 9.21 9.51 -21.35
N PRO A 122 9.86 8.83 -22.33
CA PRO A 122 10.92 7.88 -22.02
C PRO A 122 12.12 8.56 -21.35
N LEU A 123 12.77 7.88 -20.40
CA LEU A 123 13.89 8.49 -19.70
C LEU A 123 15.15 8.46 -20.56
N VAL A 124 15.33 7.35 -21.30
CA VAL A 124 16.46 7.07 -22.16
C VAL A 124 15.93 7.17 -23.60
N GLN A 125 16.40 8.21 -24.30
CA GLN A 125 15.74 8.68 -25.52
C GLN A 125 16.80 9.20 -26.51
N GLY A 134 7.18 15.58 -30.51
CA GLY A 134 8.31 16.54 -30.48
C GLY A 134 8.04 17.70 -29.53
N LYS A 135 7.42 17.39 -28.38
CA LYS A 135 7.27 18.36 -27.30
C LYS A 135 8.59 18.48 -26.57
N THR A 136 8.88 19.66 -26.02
CA THR A 136 10.06 19.79 -25.18
C THR A 136 9.78 19.08 -23.86
N VAL A 137 10.84 18.82 -23.08
CA VAL A 137 10.64 18.24 -21.75
C VAL A 137 9.90 19.23 -20.85
N GLU A 138 10.13 20.54 -21.07
CA GLU A 138 9.43 21.57 -20.31
C GLU A 138 7.93 21.40 -20.52
N THR A 139 7.57 21.11 -21.76
CA THR A 139 6.17 21.06 -22.14
C THR A 139 5.52 19.79 -21.60
N GLN A 140 6.25 18.68 -21.67
CA GLN A 140 5.80 17.42 -21.11
C GLN A 140 5.52 17.60 -19.61
N VAL A 141 6.45 18.22 -18.90
CA VAL A 141 6.28 18.38 -17.47
C VAL A 141 5.03 19.23 -17.22
N ALA A 142 4.91 20.34 -17.97
CA ALA A 142 3.78 21.23 -17.73
C ALA A 142 2.45 20.51 -17.99
N GLU A 143 2.36 19.70 -19.05
CA GLU A 143 1.06 19.12 -19.39
C GLU A 143 0.75 17.91 -18.48
N LEU A 144 1.73 17.03 -18.29
CA LEU A 144 1.41 15.79 -17.59
C LEU A 144 1.28 16.07 -16.09
N ILE A 145 2.18 16.91 -15.55
CA ILE A 145 2.12 17.24 -14.13
C ILE A 145 1.06 18.33 -13.90
N GLY A 146 0.92 19.29 -14.83
CA GLY A 146 -0.14 20.28 -14.70
C GLY A 146 -1.56 19.71 -14.73
N THR A 147 -1.91 18.98 -15.79
CA THR A 147 -3.28 18.52 -15.87
C THR A 147 -3.54 17.51 -14.77
N ASN A 148 -2.57 16.61 -14.52
CA ASN A 148 -2.85 15.48 -13.64
C ASN A 148 -2.74 15.79 -12.15
N ALA A 149 -2.05 16.88 -11.78
CA ALA A 149 -1.79 17.11 -10.36
C ALA A 149 -1.93 18.57 -9.94
N ILE A 150 -1.29 19.52 -10.64
CA ILE A 150 -1.26 20.89 -10.17
CA ILE A 150 -1.24 20.90 -10.18
C ILE A 150 -2.64 21.53 -10.34
N ALA A 151 -3.25 21.31 -11.52
CA ALA A 151 -4.59 21.87 -11.74
C ALA A 151 -5.59 21.31 -10.73
N PRO A 152 -5.59 19.98 -10.46
CA PRO A 152 -6.44 19.47 -9.38
C PRO A 152 -6.20 20.18 -8.04
N PHE A 153 -4.95 20.48 -7.71
CA PHE A 153 -4.62 21.14 -6.44
C PHE A 153 -5.17 22.58 -6.45
N LEU A 154 -4.93 23.28 -7.56
CA LEU A 154 -5.43 24.65 -7.67
C LEU A 154 -6.95 24.68 -7.68
N LEU A 155 -7.59 23.79 -8.46
CA LEU A 155 -9.05 23.74 -8.44
C LEU A 155 -9.58 23.43 -7.04
N THR A 156 -8.85 22.58 -6.30
CA THR A 156 -9.28 22.18 -4.97
C THR A 156 -9.29 23.41 -4.05
N MET A 157 -8.21 24.16 -4.09
CA MET A 157 -8.01 25.40 -3.35
C MET A 157 -9.13 26.39 -3.66
N SER A 158 -9.37 26.66 -4.97
CA SER A 158 -10.41 27.58 -5.40
C SER A 158 -11.79 27.11 -4.94
N PHE A 159 -12.05 25.80 -5.03
CA PHE A 159 -13.36 25.27 -4.66
C PHE A 159 -13.58 25.53 -3.18
N ALA A 160 -12.55 25.22 -2.38
CA ALA A 160 -12.73 25.30 -0.94
C ALA A 160 -12.82 26.77 -0.52
N GLN A 161 -11.99 27.63 -1.13
CA GLN A 161 -11.95 29.03 -0.74
C GLN A 161 -13.27 29.74 -1.08
N ARG A 162 -13.92 29.33 -2.18
CA ARG A 162 -15.14 29.96 -2.63
C ARG A 162 -16.33 29.54 -1.78
N GLN A 163 -16.17 28.58 -0.85
CA GLN A 163 -17.29 28.11 -0.06
C GLN A 163 -17.71 29.18 0.96
N LYS A 164 -19.03 29.44 1.01
CA LYS A 164 -19.63 30.45 1.86
C LYS A 164 -20.61 29.76 2.84
N SER A 173 -26.38 20.10 3.22
CA SER A 173 -25.47 20.17 2.04
C SER A 173 -24.41 19.05 2.09
N ASN A 174 -23.82 18.80 0.92
CA ASN A 174 -22.97 17.63 0.75
C ASN A 174 -21.87 17.96 -0.27
N LEU A 175 -20.82 18.62 0.21
CA LEU A 175 -19.74 19.07 -0.65
C LEU A 175 -18.69 17.95 -0.78
N SER A 176 -18.24 17.69 -2.01
CA SER A 176 -17.14 16.75 -2.17
C SER A 176 -16.36 16.98 -3.46
N ILE A 177 -15.18 16.36 -3.48
CA ILE A 177 -14.30 16.40 -4.62
C ILE A 177 -14.01 14.95 -4.96
N VAL A 178 -14.07 14.60 -6.25
CA VAL A 178 -13.62 13.26 -6.66
C VAL A 178 -12.49 13.42 -7.67
N ASN A 179 -11.40 12.65 -7.49
CA ASN A 179 -10.21 12.79 -8.34
C ASN A 179 -10.11 11.48 -9.12
N LEU A 180 -9.91 11.58 -10.44
CA LEU A 180 -9.80 10.38 -11.26
C LEU A 180 -8.33 9.95 -11.25
N CYS A 181 -8.10 8.84 -10.53
CA CYS A 181 -6.76 8.35 -10.26
C CYS A 181 -6.44 7.25 -11.27
N ASP A 182 -5.60 6.28 -10.92
CA ASP A 182 -5.23 5.24 -11.88
C ASP A 182 -4.90 3.97 -11.07
N ALA A 183 -5.67 2.90 -11.31
CA ALA A 183 -5.53 1.69 -10.50
C ALA A 183 -4.15 1.04 -10.70
N MET A 184 -3.44 1.41 -11.77
CA MET A 184 -2.22 0.73 -12.12
C MET A 184 -0.99 1.60 -11.82
N VAL A 185 -1.14 2.60 -10.96
CA VAL A 185 -0.03 3.47 -10.60
C VAL A 185 1.16 2.71 -10.02
N ASP A 186 0.95 1.57 -9.36
CA ASP A 186 2.09 0.86 -8.80
C ASP A 186 2.63 -0.24 -9.72
N GLN A 187 2.06 -0.39 -10.90
CA GLN A 187 2.59 -1.35 -11.86
C GLN A 187 2.53 -0.65 -13.22
N PRO A 188 3.29 0.44 -13.40
CA PRO A 188 3.03 1.39 -14.48
C PRO A 188 3.44 0.86 -15.86
N CSX A 189 2.93 1.49 -16.91
CA CSX A 189 3.41 1.21 -18.25
CB CSX A 189 2.56 1.91 -19.30
SG CSX A 189 1.01 1.02 -19.40
C CSX A 189 4.86 1.68 -18.38
O CSX A 189 5.27 2.68 -17.81
OD CSX A 189 1.22 0.03 -20.51
N MET A 190 5.61 0.94 -19.18
CA MET A 190 6.99 1.29 -19.45
C MET A 190 6.99 2.65 -20.14
N ALA A 191 7.83 3.55 -19.63
CA ALA A 191 8.22 4.81 -20.26
C ALA A 191 7.19 5.89 -19.99
N PHE A 192 6.35 5.73 -18.96
CA PHE A 192 5.34 6.74 -18.64
C PHE A 192 5.64 7.39 -17.29
N SER A 193 6.91 7.75 -17.02
CA SER A 193 7.28 8.23 -15.69
CA SER A 193 7.34 8.27 -15.72
C SER A 193 6.58 9.53 -15.32
N LEU A 194 6.41 10.48 -16.26
CA LEU A 194 5.80 11.75 -15.83
C LEU A 194 4.31 11.59 -15.57
N TYR A 195 3.64 10.81 -16.42
CA TYR A 195 2.24 10.52 -16.17
C TYR A 195 2.07 9.83 -14.81
N ASN A 196 2.89 8.83 -14.52
CA ASN A 196 2.80 8.09 -13.27
CA ASN A 196 2.73 8.12 -13.27
C ASN A 196 3.08 9.01 -12.09
N MET A 197 4.09 9.89 -12.29
CA MET A 197 4.39 10.82 -11.20
C MET A 197 3.20 11.72 -10.92
N GLY A 198 2.52 12.17 -11.97
CA GLY A 198 1.39 13.04 -11.69
C GLY A 198 0.21 12.30 -11.01
N LYS A 199 -0.05 11.05 -11.43
CA LYS A 199 -1.13 10.31 -10.81
C LYS A 199 -0.81 9.98 -9.35
N HIS A 200 0.45 9.68 -9.03
CA HIS A 200 0.89 9.49 -7.64
C HIS A 200 0.72 10.77 -6.86
N ALA A 201 1.06 11.92 -7.47
CA ALA A 201 0.80 13.20 -6.79
C ALA A 201 -0.67 13.40 -6.51
N LEU A 202 -1.52 12.95 -7.44
CA LEU A 202 -2.96 13.10 -7.27
C LEU A 202 -3.47 12.25 -6.09
N VAL A 203 -2.88 11.05 -5.88
CA VAL A 203 -3.19 10.29 -4.66
C VAL A 203 -2.82 11.13 -3.43
N GLY A 204 -1.63 11.71 -3.49
CA GLY A 204 -1.17 12.50 -2.35
C GLY A 204 -2.10 13.66 -2.09
N LEU A 205 -2.54 14.33 -3.18
CA LEU A 205 -3.50 15.43 -3.05
C LEU A 205 -4.80 14.90 -2.42
N THR A 206 -5.28 13.75 -2.90
CA THR A 206 -6.53 13.19 -2.39
C THR A 206 -6.46 13.03 -0.86
N GLN A 207 -5.36 12.43 -0.37
CA GLN A 207 -5.16 12.22 1.06
C GLN A 207 -5.01 13.53 1.81
N SER A 208 -4.05 14.36 1.36
CA SER A 208 -3.77 15.63 2.02
C SER A 208 -4.99 16.54 2.08
N ALA A 209 -5.76 16.57 0.97
CA ALA A 209 -6.92 17.46 0.95
C ALA A 209 -8.07 16.88 1.77
N ALA A 210 -8.20 15.54 1.78
CA ALA A 210 -9.20 14.93 2.64
C ALA A 210 -8.93 15.32 4.09
N LEU A 211 -7.66 15.28 4.50
CA LEU A 211 -7.33 15.61 5.89
C LEU A 211 -7.67 17.05 6.21
N GLU A 212 -7.21 17.96 5.34
CA GLU A 212 -7.26 19.40 5.61
C GLU A 212 -8.69 19.92 5.48
N LEU A 213 -9.46 19.39 4.52
CA LEU A 213 -10.77 19.97 4.25
C LEU A 213 -11.88 19.29 5.05
N ALA A 214 -11.59 18.18 5.76
CA ALA A 214 -12.64 17.49 6.49
C ALA A 214 -13.31 18.41 7.52
N PRO A 215 -12.55 19.26 8.23
CA PRO A 215 -13.13 20.21 9.19
C PRO A 215 -14.10 21.23 8.57
N TYR A 216 -14.02 21.36 7.25
CA TYR A 216 -14.94 22.26 6.53
C TYR A 216 -16.10 21.43 5.95
N GLY A 217 -16.09 20.11 6.16
CA GLY A 217 -17.22 19.33 5.69
C GLY A 217 -17.08 18.92 4.23
N ILE A 218 -15.92 19.21 3.63
CA ILE A 218 -15.66 18.84 2.24
C ILE A 218 -14.99 17.46 2.22
N ARG A 219 -15.61 16.48 1.56
CA ARG A 219 -14.99 15.14 1.44
C ARG A 219 -14.17 15.10 0.15
N VAL A 220 -13.10 14.29 0.14
CA VAL A 220 -12.25 14.27 -1.04
C VAL A 220 -11.90 12.80 -1.27
N ASN A 221 -12.26 12.25 -2.43
CA ASN A 221 -12.03 10.81 -2.62
C ASN A 221 -11.54 10.65 -4.03
N GLY A 222 -11.17 9.40 -4.37
CA GLY A 222 -10.75 9.14 -5.75
C GLY A 222 -11.46 7.92 -6.30
N VAL A 223 -11.46 7.84 -7.64
CA VAL A 223 -11.93 6.70 -8.41
C VAL A 223 -10.76 6.34 -9.30
N ALA A 224 -10.35 5.05 -9.27
CA ALA A 224 -9.16 4.63 -9.99
C ALA A 224 -9.53 3.56 -11.01
N PRO A 225 -9.76 3.92 -12.31
CA PRO A 225 -10.04 2.91 -13.34
C PRO A 225 -8.77 2.12 -13.58
N GLY A 226 -8.96 0.91 -14.12
CA GLY A 226 -7.86 0.15 -14.69
C GLY A 226 -7.77 0.42 -16.19
N VAL A 227 -8.40 -0.44 -16.99
CA VAL A 227 -8.56 -0.15 -18.41
C VAL A 227 -10.04 0.18 -18.63
N SER A 228 -10.30 1.40 -19.12
CA SER A 228 -11.66 1.75 -19.47
C SER A 228 -11.67 2.00 -20.96
N LEU A 229 -12.37 3.05 -21.40
CA LEU A 229 -12.30 3.40 -22.82
C LEU A 229 -10.84 3.45 -23.25
N LEU A 230 -10.53 2.61 -24.26
CA LEU A 230 -9.17 2.54 -24.75
C LEU A 230 -8.90 3.78 -25.62
N PRO A 231 -7.63 4.16 -25.87
CA PRO A 231 -7.33 5.32 -26.71
C PRO A 231 -7.99 5.18 -28.08
N VAL A 232 -8.56 6.30 -28.54
CA VAL A 232 -9.18 6.46 -29.85
C VAL A 232 -8.20 5.98 -30.94
N ALA A 233 -6.90 6.27 -30.74
CA ALA A 233 -5.86 6.00 -31.72
C ALA A 233 -5.44 4.53 -31.71
N MET A 234 -5.75 3.80 -30.62
CA MET A 234 -5.31 2.41 -30.50
C MET A 234 -6.08 1.52 -31.47
N GLY A 235 -5.40 0.48 -32.01
CA GLY A 235 -5.99 -0.46 -32.95
C GLY A 235 -6.69 -1.60 -32.21
N GLU A 236 -7.56 -2.33 -32.91
CA GLU A 236 -8.42 -3.34 -32.29
C GLU A 236 -7.60 -4.48 -31.69
N GLU A 237 -6.49 -4.86 -32.34
CA GLU A 237 -5.72 -6.00 -31.89
C GLU A 237 -5.06 -5.67 -30.56
N GLU A 238 -4.58 -4.42 -30.44
CA GLU A 238 -3.96 -3.90 -29.25
C GLU A 238 -5.00 -3.82 -28.12
N LYS A 239 -6.19 -3.30 -28.43
CA LYS A 239 -7.28 -3.22 -27.46
C LYS A 239 -7.56 -4.59 -26.86
N ASP A 240 -7.60 -5.62 -27.73
CA ASP A 240 -7.93 -6.97 -27.30
C ASP A 240 -6.85 -7.57 -26.40
N LYS A 241 -5.58 -7.21 -26.60
CA LYS A 241 -4.52 -7.68 -25.71
C LYS A 241 -4.80 -7.16 -24.31
N TRP A 242 -5.21 -5.89 -24.20
CA TRP A 242 -5.51 -5.30 -22.91
C TRP A 242 -6.75 -5.95 -22.31
N ARG A 243 -7.81 -6.08 -23.13
CA ARG A 243 -9.05 -6.70 -22.67
C ARG A 243 -8.80 -8.06 -22.01
N ARG A 244 -7.93 -8.89 -22.62
CA ARG A 244 -7.73 -10.27 -22.19
C ARG A 244 -6.98 -10.34 -20.85
N LYS A 245 -6.43 -9.20 -20.39
CA LYS A 245 -5.76 -9.18 -19.09
C LYS A 245 -6.76 -9.03 -17.94
N VAL A 246 -7.98 -8.53 -18.21
CA VAL A 246 -8.94 -8.22 -17.14
C VAL A 246 -9.59 -9.48 -16.62
N PRO A 247 -9.38 -9.87 -15.33
CA PRO A 247 -10.03 -11.06 -14.79
C PRO A 247 -11.55 -11.10 -14.84
N LEU A 248 -12.20 -9.96 -14.54
CA LEU A 248 -13.65 -9.93 -14.46
C LEU A 248 -14.21 -9.60 -15.85
N GLY A 249 -14.30 -10.61 -16.72
CA GLY A 249 -15.11 -10.47 -17.92
C GLY A 249 -14.26 -10.23 -19.16
N ARG A 250 -12.93 -10.12 -18.97
CA ARG A 250 -12.02 -9.88 -20.08
C ARG A 250 -12.51 -8.72 -20.93
N ARG A 251 -12.88 -7.62 -20.29
CA ARG A 251 -13.25 -6.45 -21.06
C ARG A 251 -12.93 -5.21 -20.25
N GLU A 252 -12.87 -4.08 -20.96
CA GLU A 252 -12.62 -2.79 -20.35
C GLU A 252 -13.88 -2.34 -19.60
N ALA A 253 -13.69 -1.48 -18.59
CA ALA A 253 -14.81 -0.78 -17.98
C ALA A 253 -15.52 0.14 -19.00
N SER A 254 -16.84 0.19 -18.92
CA SER A 254 -17.58 1.24 -19.64
C SER A 254 -17.44 2.57 -18.92
N ALA A 255 -17.66 3.68 -19.65
CA ALA A 255 -17.53 5.01 -19.07
C ALA A 255 -18.55 5.08 -17.95
N GLU A 256 -19.72 4.47 -18.18
CA GLU A 256 -20.81 4.49 -17.20
C GLU A 256 -20.38 3.84 -15.87
N GLN A 257 -19.63 2.74 -15.96
CA GLN A 257 -19.21 2.00 -14.77
C GLN A 257 -18.28 2.84 -13.90
N ILE A 258 -17.42 3.63 -14.55
CA ILE A 258 -16.56 4.57 -13.83
C ILE A 258 -17.42 5.66 -13.19
N ALA A 259 -18.36 6.22 -13.96
CA ALA A 259 -19.24 7.29 -13.46
C ALA A 259 -20.05 6.79 -12.25
N ASP A 260 -20.43 5.51 -12.30
CA ASP A 260 -21.17 4.91 -11.19
C ASP A 260 -20.46 5.10 -9.84
N ALA A 261 -19.13 4.93 -9.86
CA ALA A 261 -18.37 5.04 -8.62
C ALA A 261 -18.29 6.50 -8.19
N VAL A 262 -18.19 7.40 -9.18
CA VAL A 262 -18.16 8.84 -8.88
C VAL A 262 -19.47 9.23 -8.21
N ILE A 263 -20.57 8.75 -8.81
CA ILE A 263 -21.91 9.02 -8.30
C ILE A 263 -22.05 8.51 -6.87
N PHE A 264 -21.56 7.28 -6.60
CA PHE A 264 -21.56 6.84 -5.22
C PHE A 264 -20.83 7.80 -4.29
N LEU A 265 -19.61 8.21 -4.62
CA LEU A 265 -18.82 9.01 -3.69
C LEU A 265 -19.42 10.40 -3.42
N VAL A 266 -20.15 10.98 -4.39
CA VAL A 266 -20.73 12.30 -4.12
C VAL A 266 -22.04 12.15 -3.33
N SER A 267 -22.63 10.95 -3.36
CA SER A 267 -23.97 10.72 -2.82
C SER A 267 -23.96 10.78 -1.29
N GLY A 268 -25.17 10.85 -0.72
CA GLY A 268 -25.33 10.73 0.72
C GLY A 268 -25.05 9.31 1.25
N SER A 269 -24.87 8.33 0.34
CA SER A 269 -24.46 6.99 0.75
C SER A 269 -22.98 6.93 1.13
N ALA A 270 -22.20 8.01 0.90
CA ALA A 270 -20.76 8.05 1.13
C ALA A 270 -20.39 9.16 2.11
N GLN A 271 -21.37 9.53 2.94
CA GLN A 271 -21.26 10.70 3.79
C GLN A 271 -20.11 10.62 4.81
N TYR A 272 -19.65 9.41 5.16
CA TYR A 272 -18.53 9.31 6.10
C TYR A 272 -17.24 8.96 5.34
N ILE A 273 -17.29 8.90 4.00
CA ILE A 273 -16.12 8.43 3.25
C ILE A 273 -15.31 9.64 2.82
N THR A 274 -14.04 9.70 3.26
CA THR A 274 -13.12 10.73 2.79
C THR A 274 -11.72 10.14 2.80
N GLY A 275 -10.93 10.52 1.78
CA GLY A 275 -9.59 10.03 1.61
C GLY A 275 -9.52 8.59 1.08
N SER A 276 -10.62 8.09 0.50
CA SER A 276 -10.68 6.73 -0.03
C SER A 276 -10.55 6.80 -1.54
N ILE A 277 -9.87 5.81 -2.09
CA ILE A 277 -9.79 5.71 -3.53
C ILE A 277 -10.30 4.32 -3.89
N ILE A 278 -11.35 4.33 -4.70
CA ILE A 278 -12.03 3.11 -5.07
C ILE A 278 -11.49 2.67 -6.43
N LYS A 279 -10.92 1.47 -6.46
CA LYS A 279 -10.46 0.98 -7.76
C LYS A 279 -11.69 0.46 -8.45
N VAL A 280 -11.79 0.73 -9.74
CA VAL A 280 -12.82 0.18 -10.59
C VAL A 280 -12.13 -0.44 -11.80
N ASP A 281 -11.57 -1.64 -11.60
CA ASP A 281 -10.55 -2.16 -12.53
C ASP A 281 -10.80 -3.61 -12.91
N GLY A 282 -11.90 -4.21 -12.44
CA GLY A 282 -12.19 -5.59 -12.80
C GLY A 282 -11.12 -6.59 -12.35
N GLY A 283 -10.35 -6.26 -11.29
CA GLY A 283 -9.26 -7.11 -10.80
C GLY A 283 -7.93 -6.96 -11.54
N LEU A 284 -7.83 -6.02 -12.49
CA LEU A 284 -6.63 -5.95 -13.33
C LEU A 284 -5.38 -5.71 -12.49
N SER A 285 -5.48 -4.87 -11.47
CA SER A 285 -4.29 -4.59 -10.68
C SER A 285 -3.84 -5.78 -9.81
N LEU A 286 -4.62 -6.87 -9.71
CA LEU A 286 -4.21 -8.02 -8.91
C LEU A 286 -3.41 -9.04 -9.74
N VAL A 287 -3.36 -8.84 -11.06
CA VAL A 287 -2.79 -9.83 -11.95
C VAL A 287 -1.27 -9.65 -12.04
N HIS A 288 -0.49 -10.66 -11.65
CA HIS A 288 0.97 -10.58 -11.75
C HIS A 288 1.42 -10.66 -13.21
N ALA A 289 2.68 -10.29 -13.45
CA ALA A 289 3.23 -10.28 -14.79
C ALA A 289 3.29 -11.71 -15.35
N GLU B 23 -37.33 -14.47 -8.84
N GLU B 23 -37.98 -13.21 -9.05
CA GLU B 23 -37.27 -14.64 -7.35
CA GLU B 23 -37.52 -13.89 -7.79
C GLU B 23 -36.23 -13.68 -6.77
C GLU B 23 -36.57 -12.95 -7.04
N ALA B 24 -36.63 -12.97 -5.71
CA ALA B 24 -35.80 -12.08 -4.91
C ALA B 24 -34.45 -12.75 -4.62
N PRO B 25 -33.31 -12.00 -4.71
CA PRO B 25 -32.01 -12.58 -4.37
C PRO B 25 -31.89 -12.81 -2.87
N ALA B 26 -30.94 -13.67 -2.48
CA ALA B 26 -30.67 -13.98 -1.07
C ALA B 26 -29.25 -13.62 -0.67
N ALA B 27 -29.09 -13.26 0.62
CA ALA B 27 -27.77 -12.91 1.16
C ALA B 27 -27.56 -13.57 2.50
N VAL B 28 -26.31 -14.03 2.74
CA VAL B 28 -25.88 -14.45 4.07
C VAL B 28 -25.06 -13.31 4.71
N VAL B 29 -25.42 -12.92 5.94
CA VAL B 29 -24.62 -11.95 6.70
C VAL B 29 -24.17 -12.64 7.98
N THR B 30 -22.85 -12.73 8.22
CA THR B 30 -22.38 -13.35 9.46
C THR B 30 -22.34 -12.33 10.61
N GLY B 31 -22.47 -12.79 11.87
CA GLY B 31 -22.62 -11.93 13.05
C GLY B 31 -23.68 -10.85 12.83
N ALA B 32 -24.90 -11.25 12.39
CA ALA B 32 -25.87 -10.27 11.90
C ALA B 32 -26.83 -9.84 13.01
N ALA B 33 -26.61 -10.30 14.23
CA ALA B 33 -27.63 -10.16 15.25
C ALA B 33 -27.66 -8.73 15.79
N LYS B 34 -26.51 -8.05 15.73
CA LYS B 34 -26.33 -6.82 16.48
C LYS B 34 -25.41 -5.90 15.68
N ARG B 35 -25.50 -4.57 15.94
CA ARG B 35 -24.44 -3.65 15.54
C ARG B 35 -24.30 -3.60 14.01
N ILE B 36 -23.07 -3.66 13.48
CA ILE B 36 -22.85 -3.47 12.06
C ILE B 36 -23.57 -4.57 11.23
N GLY B 37 -23.38 -5.84 11.58
CA GLY B 37 -24.02 -6.89 10.79
C GLY B 37 -25.56 -6.77 10.76
N ARG B 38 -26.14 -6.32 11.89
CA ARG B 38 -27.56 -6.06 11.95
C ARG B 38 -27.95 -5.01 10.92
N ALA B 39 -27.19 -3.90 10.88
CA ALA B 39 -27.50 -2.78 10.00
C ALA B 39 -27.38 -3.25 8.54
N ILE B 40 -26.38 -4.10 8.26
CA ILE B 40 -26.18 -4.64 6.94
C ILE B 40 -27.36 -5.53 6.51
N ALA B 41 -27.75 -6.45 7.38
CA ALA B 41 -28.89 -7.33 7.08
C ALA B 41 -30.17 -6.54 6.78
N VAL B 42 -30.48 -5.56 7.64
CA VAL B 42 -31.64 -4.69 7.43
C VAL B 42 -31.54 -3.97 6.10
N LYS B 43 -30.36 -3.40 5.75
CA LYS B 43 -30.32 -2.59 4.54
C LYS B 43 -30.47 -3.49 3.31
N LEU B 44 -29.92 -4.70 3.39
CA LEU B 44 -30.03 -5.62 2.27
C LEU B 44 -31.51 -6.03 2.15
N HIS B 45 -32.16 -6.28 3.29
CA HIS B 45 -33.60 -6.53 3.28
C HIS B 45 -34.39 -5.38 2.63
N GLN B 46 -34.17 -4.15 3.09
CA GLN B 46 -34.87 -3.01 2.52
C GLN B 46 -34.61 -2.86 1.03
N THR B 47 -33.49 -3.43 0.57
CA THR B 47 -33.09 -3.31 -0.83
C THR B 47 -33.80 -4.38 -1.64
N GLY B 48 -34.38 -5.35 -0.94
CA GLY B 48 -35.22 -6.36 -1.57
C GLY B 48 -34.62 -7.75 -1.42
N TYR B 49 -33.55 -7.85 -0.63
CA TYR B 49 -32.91 -9.15 -0.42
C TYR B 49 -33.66 -9.95 0.62
N ARG B 50 -33.67 -11.27 0.44
CA ARG B 50 -33.96 -12.21 1.51
C ARG B 50 -32.66 -12.50 2.23
N VAL B 51 -32.72 -12.73 3.56
CA VAL B 51 -31.50 -12.67 4.34
C VAL B 51 -31.41 -13.86 5.30
N VAL B 52 -30.22 -14.47 5.37
CA VAL B 52 -29.81 -15.36 6.45
C VAL B 52 -29.11 -14.54 7.51
N ILE B 53 -29.67 -14.51 8.72
CA ILE B 53 -29.08 -13.81 9.84
C ILE B 53 -28.26 -14.82 10.64
N HIS B 54 -26.93 -14.87 10.43
CA HIS B 54 -26.07 -15.80 11.16
C HIS B 54 -25.74 -15.16 12.51
N TYR B 55 -25.61 -16.01 13.54
CA TYR B 55 -25.28 -15.49 14.85
C TYR B 55 -24.56 -16.60 15.59
N HIS B 56 -23.93 -16.23 16.71
CA HIS B 56 -23.21 -17.14 17.56
C HIS B 56 -23.93 -17.31 18.90
N ASN B 57 -23.88 -16.29 19.77
CA ASN B 57 -24.51 -16.34 21.09
C ASN B 57 -25.81 -15.52 21.12
N SER B 58 -25.96 -14.59 20.17
CA SER B 58 -27.03 -13.63 20.32
C SER B 58 -28.34 -14.12 19.68
N ALA B 59 -28.90 -15.24 20.19
CA ALA B 59 -30.12 -15.86 19.67
C ALA B 59 -31.32 -14.93 19.69
N GLU B 60 -31.53 -14.24 20.82
CA GLU B 60 -32.74 -13.45 21.03
C GLU B 60 -32.71 -12.26 20.08
N ALA B 61 -31.53 -11.64 19.94
CA ALA B 61 -31.39 -10.54 19.03
C ALA B 61 -31.62 -11.00 17.59
N ALA B 62 -31.14 -12.19 17.24
CA ALA B 62 -31.24 -12.67 15.86
C ALA B 62 -32.70 -12.97 15.47
N VAL B 63 -33.43 -13.60 16.40
CA VAL B 63 -34.82 -13.96 16.15
C VAL B 63 -35.67 -12.70 16.01
N SER B 64 -35.40 -11.72 16.91
CA SER B 64 -36.20 -10.51 16.96
C SER B 64 -36.00 -9.70 15.68
N LEU B 65 -34.76 -9.73 15.15
CA LEU B 65 -34.51 -9.09 13.87
C LEU B 65 -35.31 -9.82 12.79
N ALA B 66 -35.21 -11.15 12.77
CA ALA B 66 -35.86 -11.97 11.74
C ALA B 66 -37.38 -11.75 11.73
N ASP B 67 -37.96 -11.65 12.93
CA ASP B 67 -39.41 -11.49 13.05
C ASP B 67 -39.81 -10.14 12.44
N GLU B 68 -39.02 -9.09 12.74
CA GLU B 68 -39.28 -7.74 12.25
C GLU B 68 -39.27 -7.68 10.72
N LEU B 69 -38.25 -8.31 10.12
CA LEU B 69 -38.08 -8.35 8.67
C LEU B 69 -39.18 -9.17 8.00
N ASN B 70 -39.52 -10.30 8.61
CA ASN B 70 -40.61 -11.15 8.17
C ASN B 70 -41.97 -10.46 8.34
N LYS B 71 -42.09 -9.58 9.32
CA LYS B 71 -43.31 -8.84 9.50
C LYS B 71 -43.41 -7.87 8.32
N GLU B 72 -42.25 -7.34 7.89
CA GLU B 72 -42.24 -6.38 6.80
C GLU B 72 -42.59 -7.10 5.50
N ARG B 73 -42.03 -8.31 5.31
CA ARG B 73 -42.25 -9.14 4.14
C ARG B 73 -42.18 -10.60 4.57
N SER B 74 -43.24 -11.37 4.29
CA SER B 74 -43.34 -12.72 4.81
C SER B 74 -42.33 -13.64 4.16
N ASN B 75 -41.73 -14.48 5.00
CA ASN B 75 -40.83 -15.52 4.52
C ASN B 75 -39.63 -14.92 3.77
N THR B 76 -39.03 -13.86 4.34
CA THR B 76 -37.89 -13.26 3.70
C THR B 76 -36.63 -13.31 4.57
N ALA B 77 -36.74 -13.90 5.76
CA ALA B 77 -35.62 -13.86 6.68
C ALA B 77 -35.62 -15.11 7.55
N VAL B 78 -34.42 -15.67 7.72
CA VAL B 78 -34.20 -16.86 8.55
C VAL B 78 -32.94 -16.62 9.38
N VAL B 79 -32.78 -17.38 10.46
CA VAL B 79 -31.59 -17.24 11.30
C VAL B 79 -30.83 -18.54 11.21
N CYS B 80 -29.54 -18.50 11.58
CA CYS B 80 -28.66 -19.65 11.49
C CYS B 80 -27.57 -19.52 12.53
N GLN B 81 -27.47 -20.49 13.46
CA GLN B 81 -26.50 -20.46 14.56
C GLN B 81 -25.22 -21.18 14.16
N ALA B 82 -24.05 -20.58 14.48
CA ALA B 82 -22.76 -21.24 14.30
C ALA B 82 -21.65 -20.48 15.00
N ASP B 83 -20.74 -21.24 15.59
CA ASP B 83 -19.48 -20.76 16.09
C ASP B 83 -18.43 -20.76 14.98
N LEU B 84 -17.70 -19.63 14.82
CA LEU B 84 -16.81 -19.45 13.68
C LEU B 84 -15.35 -19.58 14.10
N THR B 85 -15.14 -20.02 15.35
CA THR B 85 -13.80 -20.29 15.87
C THR B 85 -13.12 -21.40 15.06
N ASN B 86 -11.77 -21.38 14.95
CA ASN B 86 -10.97 -22.33 14.18
C ASN B 86 -10.91 -23.67 14.90
N SER B 87 -11.32 -24.73 14.19
CA SER B 87 -11.23 -26.09 14.69
C SER B 87 -11.35 -27.05 13.51
N ASN B 88 -11.33 -28.34 13.81
CA ASN B 88 -11.49 -29.43 12.86
CA ASN B 88 -11.45 -29.33 12.76
C ASN B 88 -12.89 -29.40 12.23
N VAL B 89 -13.86 -28.81 12.94
CA VAL B 89 -15.23 -28.81 12.45
C VAL B 89 -15.65 -27.48 11.79
N LEU B 90 -14.76 -26.47 11.73
CA LEU B 90 -15.19 -25.18 11.22
C LEU B 90 -15.66 -25.34 9.78
N PRO B 91 -14.94 -26.09 8.91
CA PRO B 91 -15.34 -26.29 7.51
C PRO B 91 -16.77 -26.79 7.37
N ALA B 92 -17.16 -27.73 8.23
CA ALA B 92 -18.52 -28.27 8.18
C ALA B 92 -19.49 -27.16 8.54
N SER B 93 -19.21 -26.44 9.64
CA SER B 93 -20.01 -25.30 10.05
C SER B 93 -20.26 -24.34 8.89
N CYS B 94 -19.19 -23.99 8.16
CA CYS B 94 -19.34 -22.95 7.16
C CYS B 94 -20.13 -23.47 5.96
N GLU B 95 -19.92 -24.73 5.60
CA GLU B 95 -20.70 -25.37 4.55
C GLU B 95 -22.20 -25.28 4.85
N GLU B 96 -22.54 -25.39 6.13
CA GLU B 96 -23.92 -25.46 6.61
C GLU B 96 -24.57 -24.08 6.58
N ILE B 97 -23.77 -23.04 6.87
CA ILE B 97 -24.27 -21.69 6.79
C ILE B 97 -24.74 -21.41 5.37
N ILE B 98 -23.85 -21.75 4.42
CA ILE B 98 -24.15 -21.44 3.04
C ILE B 98 -25.39 -22.27 2.64
N ASN B 99 -25.38 -23.54 3.02
CA ASN B 99 -26.47 -24.48 2.74
C ASN B 99 -27.82 -23.93 3.23
N SER B 100 -27.81 -23.32 4.43
CA SER B 100 -29.02 -22.80 5.04
CA SER B 100 -29.02 -22.80 5.04
C SER B 100 -29.69 -21.78 4.13
N CYS B 101 -28.86 -20.97 3.43
CA CYS B 101 -29.39 -19.96 2.51
C CYS B 101 -30.10 -20.66 1.34
N PHE B 102 -29.49 -21.73 0.81
CA PHE B 102 -30.03 -22.43 -0.36
C PHE B 102 -31.30 -23.17 0.01
N ARG B 103 -31.28 -23.89 1.14
CA ARG B 103 -32.49 -24.55 1.65
C ARG B 103 -33.61 -23.54 1.91
N ALA B 104 -33.29 -22.37 2.48
CA ALA B 104 -34.34 -21.40 2.78
C ALA B 104 -34.86 -20.74 1.49
N PHE B 105 -33.96 -20.36 0.57
CA PHE B 105 -34.35 -19.40 -0.46
C PHE B 105 -34.05 -19.92 -1.86
N GLY B 106 -33.36 -21.05 -1.97
CA GLY B 106 -33.17 -21.65 -3.29
C GLY B 106 -32.00 -21.03 -4.06
N ARG B 107 -31.26 -20.12 -3.41
CA ARG B 107 -30.13 -19.42 -4.06
C ARG B 107 -29.36 -18.63 -2.99
N CYS B 108 -28.12 -18.24 -3.34
CA CYS B 108 -27.30 -17.45 -2.42
C CYS B 108 -26.48 -16.48 -3.27
N ASP B 109 -26.92 -15.21 -3.29
CA ASP B 109 -26.38 -14.22 -4.20
C ASP B 109 -25.21 -13.46 -3.57
N VAL B 110 -25.25 -13.31 -2.25
CA VAL B 110 -24.34 -12.37 -1.59
C VAL B 110 -23.85 -13.02 -0.31
N LEU B 111 -22.56 -12.89 -0.03
CA LEU B 111 -22.06 -13.28 1.27
C LEU B 111 -21.36 -12.08 1.90
N VAL B 112 -21.74 -11.75 3.14
CA VAL B 112 -21.07 -10.67 3.86
C VAL B 112 -20.37 -11.29 5.06
N ASN B 113 -19.02 -11.27 5.02
CA ASN B 113 -18.19 -11.78 6.11
C ASN B 113 -17.99 -10.66 7.13
N ASN B 114 -18.88 -10.62 8.13
CA ASN B 114 -18.94 -9.52 9.09
C ASN B 114 -18.49 -9.93 10.49
N ALA B 115 -18.80 -11.16 10.90
CA ALA B 115 -18.49 -11.62 12.24
C ALA B 115 -17.01 -11.43 12.53
N SER B 116 -16.70 -11.07 13.80
CA SER B 116 -15.34 -10.74 14.18
C SER B 116 -15.19 -10.86 15.69
N ALA B 117 -14.08 -11.45 16.13
CA ALA B 117 -13.60 -11.34 17.50
C ALA B 117 -12.52 -10.26 17.56
N PHE B 118 -12.46 -9.55 18.70
CA PHE B 118 -11.59 -8.40 18.80
C PHE B 118 -11.26 -8.25 20.28
N TYR B 119 -10.02 -8.61 20.63
CA TYR B 119 -9.51 -8.32 21.97
C TYR B 119 -8.00 -8.36 21.95
N PRO B 120 -7.30 -7.80 22.96
CA PRO B 120 -5.85 -7.73 22.93
C PRO B 120 -5.21 -9.10 23.18
N THR B 121 -4.06 -9.34 22.54
CA THR B 121 -3.24 -10.54 22.70
C THR B 121 -1.77 -10.13 22.85
N PRO B 122 -1.35 -9.59 24.02
CA PRO B 122 0.00 -9.04 24.17
C PRO B 122 1.08 -10.08 23.88
N LEU B 123 2.21 -9.63 23.31
CA LEU B 123 3.31 -10.54 23.03
C LEU B 123 4.09 -10.86 24.31
N VAL B 124 4.08 -9.91 25.27
CA VAL B 124 4.72 -10.16 26.55
C VAL B 124 3.67 -10.14 27.66
N LYS B 135 -7.79 -16.90 28.87
CA LYS B 135 -7.86 -17.66 27.60
C LYS B 135 -6.48 -18.17 27.24
N THR B 136 -6.42 -19.38 26.69
CA THR B 136 -5.10 -19.85 26.33
C THR B 136 -4.69 -19.23 24.98
N VAL B 137 -3.38 -19.23 24.73
CA VAL B 137 -2.87 -18.70 23.48
C VAL B 137 -3.47 -19.46 22.28
N GLU B 138 -3.74 -20.77 22.44
CA GLU B 138 -4.27 -21.56 21.33
C GLU B 138 -5.69 -21.10 21.02
N THR B 139 -6.44 -20.80 22.09
CA THR B 139 -7.82 -20.31 22.04
C THR B 139 -7.85 -18.93 21.36
N GLN B 140 -6.89 -18.09 21.72
CA GLN B 140 -6.78 -16.75 21.17
C GLN B 140 -6.57 -16.82 19.64
N VAL B 141 -5.62 -17.66 19.23
CA VAL B 141 -5.34 -17.90 17.82
C VAL B 141 -6.62 -18.40 17.15
N ALA B 142 -7.22 -19.45 17.74
CA ALA B 142 -8.40 -20.05 17.16
C ALA B 142 -9.52 -19.03 17.00
N GLU B 143 -9.72 -18.17 18.00
CA GLU B 143 -10.84 -17.25 17.89
C GLU B 143 -10.55 -16.10 16.92
N LEU B 144 -9.35 -15.53 17.03
CA LEU B 144 -9.05 -14.29 16.30
C LEU B 144 -8.72 -14.59 14.85
N ILE B 145 -8.00 -15.70 14.61
CA ILE B 145 -7.69 -16.08 13.23
C ILE B 145 -8.88 -16.84 12.62
N GLY B 146 -9.58 -17.66 13.44
CA GLY B 146 -10.71 -18.39 12.92
C GLY B 146 -11.84 -17.50 12.42
N THR B 147 -12.34 -16.60 13.31
CA THR B 147 -13.43 -15.72 12.94
C THR B 147 -13.04 -14.73 11.85
N ASN B 148 -11.84 -14.15 11.95
CA ASN B 148 -11.48 -13.00 11.14
C ASN B 148 -10.96 -13.44 9.77
N ALA B 149 -10.47 -14.66 9.64
CA ALA B 149 -9.77 -15.04 8.42
C ALA B 149 -10.20 -16.42 7.91
N ILE B 150 -10.04 -17.44 8.74
CA ILE B 150 -10.29 -18.80 8.27
C ILE B 150 -11.77 -19.04 7.94
N ALA B 151 -12.69 -18.60 8.80
CA ALA B 151 -14.10 -18.78 8.50
C ALA B 151 -14.49 -18.03 7.22
N PRO B 152 -14.10 -16.76 7.01
CA PRO B 152 -14.30 -16.13 5.71
C PRO B 152 -13.81 -16.98 4.51
N PHE B 153 -12.67 -17.63 4.65
CA PHE B 153 -12.10 -18.41 3.55
C PHE B 153 -13.00 -19.62 3.27
N LEU B 154 -13.35 -20.33 4.35
CA LEU B 154 -14.24 -21.50 4.26
C LEU B 154 -15.59 -21.11 3.70
N LEU B 155 -16.17 -20.01 4.20
CA LEU B 155 -17.44 -19.55 3.66
C LEU B 155 -17.35 -19.20 2.16
N THR B 156 -16.25 -18.54 1.76
CA THR B 156 -16.00 -18.16 0.37
C THR B 156 -15.90 -19.42 -0.49
N MET B 157 -15.22 -20.44 0.02
CA MET B 157 -15.10 -21.69 -0.72
C MET B 157 -16.50 -22.31 -0.93
N SER B 158 -17.28 -22.35 0.15
CA SER B 158 -18.60 -22.98 0.10
C SER B 158 -19.51 -22.18 -0.80
N PHE B 159 -19.47 -20.85 -0.68
CA PHE B 159 -20.28 -19.99 -1.52
C PHE B 159 -19.96 -20.28 -2.99
N ALA B 160 -18.67 -20.33 -3.33
CA ALA B 160 -18.35 -20.45 -4.75
C ALA B 160 -18.70 -21.85 -5.24
N GLN B 161 -18.41 -22.86 -4.43
CA GLN B 161 -18.63 -24.23 -4.87
C GLN B 161 -20.10 -24.49 -5.12
N ARG B 162 -20.99 -23.85 -4.35
CA ARG B 162 -22.40 -24.15 -4.45
C ARG B 162 -23.06 -23.39 -5.59
N GLN B 163 -22.32 -22.57 -6.34
CA GLN B 163 -22.94 -21.87 -7.46
C GLN B 163 -23.06 -22.82 -8.67
N SER B 173 -26.96 -13.19 -13.02
CA SER B 173 -26.86 -12.95 -11.55
C SER B 173 -25.88 -11.80 -11.29
N ASN B 174 -25.84 -11.37 -10.03
CA ASN B 174 -24.86 -10.40 -9.57
C ASN B 174 -24.36 -10.99 -8.26
N LEU B 175 -23.42 -11.94 -8.38
CA LEU B 175 -22.94 -12.64 -7.20
C LEU B 175 -21.78 -11.83 -6.62
N SER B 176 -21.76 -11.63 -5.30
CA SER B 176 -20.60 -10.94 -4.77
C SER B 176 -20.41 -11.29 -3.30
N ILE B 177 -19.18 -11.06 -2.85
CA ILE B 177 -18.79 -11.25 -1.47
C ILE B 177 -18.22 -9.93 -0.94
N VAL B 178 -18.60 -9.57 0.31
CA VAL B 178 -18.05 -8.36 0.91
C VAL B 178 -17.43 -8.76 2.25
N ASN B 179 -16.15 -8.42 2.46
CA ASN B 179 -15.51 -8.77 3.72
C ASN B 179 -15.31 -7.50 4.52
N LEU B 180 -15.64 -7.56 5.81
CA LEU B 180 -15.46 -6.37 6.65
C LEU B 180 -14.01 -6.36 7.14
N CYS B 181 -13.23 -5.40 6.61
CA CYS B 181 -11.81 -5.28 6.88
C CYS B 181 -11.61 -4.23 7.99
N ASP B 182 -10.44 -3.57 8.06
CA ASP B 182 -10.18 -2.62 9.14
C ASP B 182 -9.27 -1.53 8.58
N ALA B 183 -9.75 -0.28 8.60
CA ALA B 183 -8.97 0.78 7.96
C ALA B 183 -7.65 1.05 8.69
N MET B 184 -7.51 0.55 9.93
CA MET B 184 -6.33 0.91 10.71
C MET B 184 -5.31 -0.23 10.79
N VAL B 185 -5.32 -1.14 9.80
CA VAL B 185 -4.53 -2.35 9.87
C VAL B 185 -3.05 -2.03 9.77
N ASP B 186 -2.68 -0.88 9.19
CA ASP B 186 -1.26 -0.55 9.09
C ASP B 186 -0.84 0.42 10.18
N GLN B 187 -1.77 0.81 11.05
CA GLN B 187 -1.48 1.67 12.19
C GLN B 187 -2.19 1.05 13.40
N PRO B 188 -1.78 -0.17 13.77
CA PRO B 188 -2.59 -1.02 14.62
C PRO B 188 -2.60 -0.57 16.08
N CSX B 189 -3.64 -1.00 16.82
CA CSX B 189 -3.66 -0.82 18.27
CB CSX B 189 -5.02 -1.24 18.86
SG CSX B 189 -6.31 -0.10 18.29
C CSX B 189 -2.56 -1.67 18.89
O CSX B 189 -2.35 -2.81 18.51
OD CSX B 189 -6.37 0.93 19.36
N MET B 190 -1.91 -1.10 19.90
CA MET B 190 -0.87 -1.73 20.69
C MET B 190 -1.40 -3.06 21.23
N ALA B 191 -0.64 -4.15 21.10
CA ALA B 191 -0.94 -5.44 21.71
C ALA B 191 -2.16 -6.11 21.09
N PHE B 192 -2.48 -5.81 19.83
CA PHE B 192 -3.52 -6.52 19.08
C PHE B 192 -2.92 -7.31 17.91
N SER B 193 -1.80 -8.02 18.13
CA SER B 193 -1.12 -8.62 16.99
CA SER B 193 -1.09 -8.69 17.05
C SER B 193 -2.00 -9.67 16.30
N LEU B 194 -2.69 -10.55 17.06
CA LEU B 194 -3.40 -11.63 16.39
C LEU B 194 -4.62 -11.06 15.65
N TYR B 195 -5.31 -10.10 16.27
CA TYR B 195 -6.42 -9.44 15.59
C TYR B 195 -5.92 -8.88 14.24
N ASN B 196 -4.79 -8.17 14.30
CA ASN B 196 -4.25 -7.46 13.15
CA ASN B 196 -4.28 -7.47 13.13
C ASN B 196 -3.83 -8.48 12.10
N MET B 197 -3.26 -9.60 12.57
CA MET B 197 -2.86 -10.62 11.60
C MET B 197 -4.10 -11.16 10.87
N GLY B 198 -5.19 -11.41 11.61
CA GLY B 198 -6.42 -11.89 10.99
C GLY B 198 -6.97 -10.91 9.95
N LYS B 199 -6.95 -9.60 10.27
CA LYS B 199 -7.53 -8.62 9.35
C LYS B 199 -6.63 -8.44 8.12
N HIS B 200 -5.31 -8.51 8.32
CA HIS B 200 -4.39 -8.59 7.16
C HIS B 200 -4.69 -9.80 6.31
N ALA B 201 -4.83 -10.98 6.95
CA ALA B 201 -5.15 -12.18 6.20
C ALA B 201 -6.42 -11.98 5.36
N LEU B 202 -7.43 -11.33 5.92
CA LEU B 202 -8.69 -11.08 5.21
C LEU B 202 -8.49 -10.19 3.99
N VAL B 203 -7.54 -9.24 4.05
CA VAL B 203 -7.19 -8.45 2.87
C VAL B 203 -6.64 -9.38 1.80
N GLY B 204 -5.76 -10.28 2.21
CA GLY B 204 -5.20 -11.24 1.27
C GLY B 204 -6.29 -12.10 0.64
N LEU B 205 -7.24 -12.54 1.48
CA LEU B 205 -8.33 -13.35 0.92
C LEU B 205 -9.11 -12.56 -0.08
N THR B 206 -9.46 -11.30 0.30
CA THR B 206 -10.21 -10.46 -0.61
C THR B 206 -9.59 -10.43 -2.00
N GLN B 207 -8.28 -10.12 -2.04
CA GLN B 207 -7.55 -10.03 -3.31
C GLN B 207 -7.51 -11.38 -4.01
N SER B 208 -7.07 -12.42 -3.28
CA SER B 208 -6.87 -13.74 -3.86
C SER B 208 -8.19 -14.29 -4.41
N ALA B 209 -9.27 -14.15 -3.63
CA ALA B 209 -10.55 -14.71 -4.07
C ALA B 209 -11.10 -13.85 -5.21
N ALA B 210 -10.84 -12.53 -5.17
CA ALA B 210 -11.31 -11.71 -6.31
C ALA B 210 -10.72 -12.25 -7.60
N LEU B 211 -9.40 -12.45 -7.57
CA LEU B 211 -8.69 -12.93 -8.75
C LEU B 211 -9.26 -14.27 -9.21
N GLU B 212 -9.41 -15.19 -8.27
CA GLU B 212 -9.71 -16.56 -8.63
C GLU B 212 -11.18 -16.74 -9.01
N LEU B 213 -12.11 -15.96 -8.39
CA LEU B 213 -13.54 -16.15 -8.65
C LEU B 213 -14.04 -15.28 -9.81
N ALA B 214 -13.22 -14.32 -10.27
CA ALA B 214 -13.64 -13.38 -11.31
C ALA B 214 -14.10 -14.13 -12.57
N PRO B 215 -13.47 -15.25 -12.99
CA PRO B 215 -13.95 -16.01 -14.15
C PRO B 215 -15.35 -16.61 -13.96
N TYR B 216 -15.80 -16.76 -12.71
CA TYR B 216 -17.14 -17.25 -12.42
C TYR B 216 -18.14 -16.10 -12.27
N GLY B 217 -17.68 -14.87 -12.45
CA GLY B 217 -18.52 -13.69 -12.31
C GLY B 217 -18.88 -13.35 -10.85
N ILE B 218 -18.08 -13.86 -9.90
CA ILE B 218 -18.28 -13.51 -8.49
C ILE B 218 -17.26 -12.43 -8.14
N ARG B 219 -17.79 -11.29 -7.68
CA ARG B 219 -16.94 -10.17 -7.26
C ARG B 219 -16.64 -10.34 -5.77
N VAL B 220 -15.47 -9.80 -5.34
CA VAL B 220 -15.08 -9.97 -3.95
C VAL B 220 -14.47 -8.65 -3.50
N ASN B 221 -15.05 -7.98 -2.49
CA ASN B 221 -14.54 -6.67 -2.16
C ASN B 221 -14.54 -6.56 -0.66
N GLY B 222 -14.11 -5.41 -0.15
CA GLY B 222 -14.07 -5.20 1.28
C GLY B 222 -14.60 -3.82 1.64
N VAL B 223 -15.04 -3.71 2.90
CA VAL B 223 -15.38 -2.44 3.55
C VAL B 223 -14.54 -2.36 4.80
N ALA B 224 -13.80 -1.25 4.94
CA ALA B 224 -12.83 -1.11 6.03
C ALA B 224 -13.25 0.06 6.91
N PRO B 225 -14.02 -0.19 8.00
CA PRO B 225 -14.39 0.89 8.92
C PRO B 225 -13.16 1.39 9.63
N GLY B 226 -13.23 2.62 10.12
CA GLY B 226 -12.22 3.10 11.06
C GLY B 226 -12.71 2.93 12.50
N VAL B 227 -13.33 3.97 13.05
CA VAL B 227 -14.01 3.75 14.32
C VAL B 227 -15.50 3.86 14.03
N SER B 228 -16.22 2.79 14.34
CA SER B 228 -17.66 2.80 14.17
C SER B 228 -18.26 2.60 15.54
N LEU B 229 -19.39 1.89 15.62
CA LEU B 229 -20.08 1.63 16.88
C LEU B 229 -19.04 1.27 17.94
N LEU B 230 -18.96 2.15 18.95
CA LEU B 230 -18.07 1.91 20.08
C LEU B 230 -18.77 1.04 21.11
N PRO B 231 -18.04 0.17 21.86
CA PRO B 231 -18.64 -0.61 22.95
C PRO B 231 -19.60 0.22 23.80
N VAL B 232 -20.76 -0.39 24.15
CA VAL B 232 -21.83 0.31 24.84
C VAL B 232 -21.29 0.79 26.20
N ALA B 233 -20.50 -0.08 26.82
CA ALA B 233 -20.04 0.05 28.19
C ALA B 233 -18.77 0.90 28.28
N MET B 234 -18.14 1.21 27.14
CA MET B 234 -17.02 2.14 27.11
C MET B 234 -17.51 3.49 27.64
N GLY B 235 -16.73 4.11 28.53
CA GLY B 235 -17.09 5.39 29.10
C GLY B 235 -17.12 6.48 28.02
N GLU B 236 -18.12 7.39 28.09
CA GLU B 236 -18.27 8.49 27.14
C GLU B 236 -16.97 9.31 27.02
N GLU B 237 -16.22 9.46 28.12
CA GLU B 237 -15.00 10.25 28.08
C GLU B 237 -13.92 9.57 27.24
N GLU B 238 -13.90 8.22 27.25
CA GLU B 238 -12.99 7.46 26.40
C GLU B 238 -13.50 7.40 24.96
N LYS B 239 -14.83 7.33 24.78
CA LYS B 239 -15.37 7.28 23.43
C LYS B 239 -15.01 8.57 22.72
N ASP B 240 -15.07 9.67 23.50
CA ASP B 240 -14.74 11.01 23.07
C ASP B 240 -13.29 11.12 22.63
N LYS B 241 -12.38 10.35 23.25
CA LYS B 241 -10.98 10.39 22.87
C LYS B 241 -10.83 9.87 21.44
N TRP B 242 -11.66 8.88 21.08
CA TRP B 242 -11.57 8.30 19.75
C TRP B 242 -12.25 9.23 18.75
N ARG B 243 -13.44 9.71 19.13
CA ARG B 243 -14.25 10.60 18.32
C ARG B 243 -13.43 11.82 17.90
N ARG B 244 -12.71 12.43 18.84
CA ARG B 244 -11.97 13.65 18.60
C ARG B 244 -10.87 13.43 17.55
N LYS B 245 -10.45 12.17 17.34
CA LYS B 245 -9.40 11.86 16.39
C LYS B 245 -9.89 11.90 14.93
N VAL B 246 -11.20 11.76 14.70
CA VAL B 246 -11.73 11.60 13.35
C VAL B 246 -11.82 12.97 12.68
N PRO B 247 -11.08 13.23 11.58
CA PRO B 247 -11.16 14.52 10.88
C PRO B 247 -12.57 14.90 10.46
N LEU B 248 -13.33 13.94 9.90
CA LEU B 248 -14.61 14.27 9.29
C LEU B 248 -15.73 14.17 10.34
N GLY B 249 -15.94 15.29 11.07
CA GLY B 249 -17.08 15.45 11.95
C GLY B 249 -16.83 15.05 13.41
N ARG B 250 -15.60 14.59 13.70
CA ARG B 250 -15.18 14.22 15.04
C ARG B 250 -16.20 13.25 15.67
N ARG B 251 -16.69 12.28 14.89
CA ARG B 251 -17.60 11.26 15.41
C ARG B 251 -17.27 9.92 14.73
N GLU B 252 -17.66 8.82 15.38
CA GLU B 252 -17.55 7.46 14.83
C GLU B 252 -18.61 7.27 13.75
N ALA B 253 -18.38 6.30 12.86
CA ALA B 253 -19.38 5.97 11.84
C ALA B 253 -20.56 5.25 12.50
N SER B 254 -21.76 5.56 12.02
CA SER B 254 -22.90 4.75 12.38
C SER B 254 -22.77 3.39 11.68
N ALA B 255 -23.52 2.39 12.17
CA ALA B 255 -23.51 1.10 11.51
C ALA B 255 -24.12 1.25 10.13
N GLU B 256 -25.08 2.19 10.00
CA GLU B 256 -25.79 2.38 8.74
C GLU B 256 -24.83 2.91 7.68
N GLN B 257 -23.89 3.75 8.12
CA GLN B 257 -22.93 4.29 7.16
C GLN B 257 -22.02 3.17 6.62
N ILE B 258 -21.66 2.23 7.48
CA ILE B 258 -20.87 1.08 7.02
C ILE B 258 -21.73 0.28 6.04
N ALA B 259 -22.98 0.01 6.44
CA ALA B 259 -23.85 -0.80 5.60
C ALA B 259 -24.07 -0.15 4.24
N ASP B 260 -24.07 1.19 4.19
CA ASP B 260 -24.23 1.88 2.91
C ASP B 260 -23.16 1.47 1.88
N ALA B 261 -21.90 1.32 2.34
CA ALA B 261 -20.82 0.93 1.44
C ALA B 261 -21.01 -0.52 0.98
N VAL B 262 -21.43 -1.39 1.92
CA VAL B 262 -21.73 -2.78 1.59
C VAL B 262 -22.78 -2.83 0.48
N ILE B 263 -23.89 -2.09 0.66
CA ILE B 263 -24.98 -2.00 -0.32
C ILE B 263 -24.47 -1.57 -1.70
N PHE B 264 -23.64 -0.50 -1.74
CA PHE B 264 -23.01 -0.14 -2.99
C PHE B 264 -22.32 -1.33 -3.62
N LEU B 265 -21.43 -2.04 -2.88
CA LEU B 265 -20.56 -3.06 -3.48
C LEU B 265 -21.37 -4.24 -4.03
N VAL B 266 -22.54 -4.52 -3.43
CA VAL B 266 -23.32 -5.65 -3.91
C VAL B 266 -24.20 -5.21 -5.09
N SER B 267 -24.34 -3.89 -5.25
CA SER B 267 -25.29 -3.35 -6.21
C SER B 267 -24.76 -3.44 -7.63
N GLY B 268 -25.68 -3.21 -8.58
CA GLY B 268 -25.41 -3.10 -10.01
C GLY B 268 -24.55 -1.89 -10.39
N SER B 269 -24.32 -0.95 -9.47
CA SER B 269 -23.45 0.20 -9.67
C SER B 269 -22.00 -0.16 -9.41
N ALA B 270 -21.74 -1.41 -8.97
CA ALA B 270 -20.39 -1.88 -8.64
C ALA B 270 -20.02 -3.08 -9.48
N GLN B 271 -20.68 -3.22 -10.64
CA GLN B 271 -20.51 -4.41 -11.44
C GLN B 271 -19.10 -4.64 -12.00
N TYR B 272 -18.24 -3.62 -12.06
CA TYR B 272 -16.88 -3.82 -12.55
C TYR B 272 -15.87 -3.83 -11.39
N ILE B 273 -16.36 -3.65 -10.16
CA ILE B 273 -15.48 -3.50 -9.01
C ILE B 273 -15.25 -4.88 -8.38
N THR B 274 -13.99 -5.33 -8.37
CA THR B 274 -13.59 -6.53 -7.62
C THR B 274 -12.18 -6.35 -7.06
N GLY B 275 -11.94 -6.93 -5.85
CA GLY B 275 -10.64 -6.80 -5.23
C GLY B 275 -10.37 -5.39 -4.67
N SER B 276 -11.43 -4.61 -4.43
CA SER B 276 -11.33 -3.25 -3.92
C SER B 276 -11.76 -3.22 -2.47
N ILE B 277 -11.06 -2.43 -1.65
CA ILE B 277 -11.47 -2.27 -0.27
C ILE B 277 -11.75 -0.80 -0.05
N ILE B 278 -13.00 -0.48 0.32
CA ILE B 278 -13.39 0.91 0.51
C ILE B 278 -13.29 1.23 1.99
N LYS B 279 -12.43 2.19 2.32
CA LYS B 279 -12.34 2.66 3.71
C LYS B 279 -13.57 3.51 4.00
N VAL B 280 -14.18 3.29 5.16
CA VAL B 280 -15.29 4.12 5.59
C VAL B 280 -14.90 4.62 6.98
N ASP B 281 -14.01 5.61 7.00
CA ASP B 281 -13.26 5.90 8.22
C ASP B 281 -13.20 7.39 8.55
N GLY B 282 -13.88 8.24 7.76
CA GLY B 282 -13.95 9.66 8.11
C GLY B 282 -12.57 10.33 8.13
N GLY B 283 -11.61 9.73 7.42
CA GLY B 283 -10.23 10.20 7.32
C GLY B 283 -9.33 9.76 8.48
N LEU B 284 -9.82 8.90 9.39
CA LEU B 284 -9.02 8.54 10.57
C LEU B 284 -7.65 7.95 10.23
N SER B 285 -7.58 7.08 9.21
CA SER B 285 -6.29 6.47 8.85
C SER B 285 -5.28 7.47 8.27
N LEU B 286 -5.69 8.69 7.91
CA LEU B 286 -4.78 9.71 7.37
C LEU B 286 -4.07 10.46 8.50
N VAL B 287 -4.49 10.27 9.75
CA VAL B 287 -4.03 11.08 10.87
C VAL B 287 -2.76 10.48 11.49
N HIS B 288 -1.67 11.27 11.53
CA HIS B 288 -0.41 10.88 12.14
C HIS B 288 -0.49 10.91 13.67
N ALA B 289 0.47 10.23 14.32
CA ALA B 289 0.56 10.13 15.77
C ALA B 289 0.62 11.51 16.40
N GLU C 23 38.84 3.71 -11.74
CA GLU C 23 39.61 3.42 -10.48
C GLU C 23 38.62 3.04 -9.37
N ALA C 24 38.29 4.01 -8.52
CA ALA C 24 37.23 3.87 -7.52
C ALA C 24 35.91 4.44 -8.08
N PRO C 25 34.74 3.91 -7.62
CA PRO C 25 33.44 4.36 -8.14
C PRO C 25 33.23 5.80 -7.71
N ALA C 26 32.29 6.49 -8.40
CA ALA C 26 31.96 7.89 -8.16
C ALA C 26 30.47 8.07 -7.88
N ALA C 27 30.13 8.96 -6.91
CA ALA C 27 28.75 9.29 -6.54
C ALA C 27 28.47 10.80 -6.66
N VAL C 28 27.25 11.12 -7.09
CA VAL C 28 26.69 12.46 -6.92
C VAL C 28 25.69 12.42 -5.75
N VAL C 29 25.78 13.41 -4.83
CA VAL C 29 24.76 13.59 -3.80
C VAL C 29 24.25 15.02 -3.89
N THR C 30 22.94 15.18 -4.06
CA THR C 30 22.35 16.52 -4.17
C THR C 30 22.06 17.04 -2.77
N GLY C 31 22.14 18.37 -2.57
CA GLY C 31 22.02 18.98 -1.24
C GLY C 31 22.98 18.32 -0.25
N ALA C 32 24.26 18.19 -0.62
CA ALA C 32 25.17 17.42 0.24
C ALA C 32 25.98 18.30 1.20
N ALA C 33 25.60 19.56 1.35
CA ALA C 33 26.43 20.49 2.14
C ALA C 33 26.15 20.29 3.61
N LYS C 34 24.90 19.98 3.92
CA LYS C 34 24.53 19.91 5.33
C LYS C 34 23.52 18.80 5.64
N ARG C 35 23.23 18.63 6.91
CA ARG C 35 22.20 17.71 7.38
C ARG C 35 22.35 16.34 6.73
N ILE C 36 21.25 15.80 6.18
CA ILE C 36 21.23 14.42 5.71
C ILE C 36 22.18 14.18 4.53
N GLY C 37 22.18 15.09 3.55
CA GLY C 37 23.07 14.94 2.38
C GLY C 37 24.57 14.85 2.69
N ARG C 38 25.04 15.60 3.71
CA ARG C 38 26.45 15.60 4.14
C ARG C 38 26.79 14.23 4.72
N ALA C 39 25.88 13.70 5.56
CA ALA C 39 26.12 12.40 6.14
C ALA C 39 26.25 11.34 5.04
N ILE C 40 25.39 11.44 4.03
CA ILE C 40 25.42 10.50 2.93
C ILE C 40 26.74 10.62 2.16
N ALA C 41 27.13 11.85 1.87
CA ALA C 41 28.39 12.16 1.18
C ALA C 41 29.62 11.57 1.90
N VAL C 42 29.70 11.75 3.23
CA VAL C 42 30.83 11.31 4.04
C VAL C 42 30.91 9.79 4.05
N LYS C 43 29.75 9.14 4.20
CA LYS C 43 29.68 7.70 4.37
C LYS C 43 30.08 7.04 3.06
N LEU C 44 29.66 7.69 1.95
CA LEU C 44 29.98 7.11 0.65
C LEU C 44 31.49 7.26 0.44
N HIS C 45 32.02 8.42 0.82
CA HIS C 45 33.47 8.65 0.79
C HIS C 45 34.21 7.61 1.63
N GLN C 46 33.83 7.47 2.91
CA GLN C 46 34.40 6.47 3.80
C GLN C 46 34.36 5.06 3.17
N THR C 47 33.43 4.83 2.24
CA THR C 47 33.22 3.50 1.68
C THR C 47 34.10 3.37 0.44
N GLY C 48 34.52 4.51 -0.09
CA GLY C 48 35.58 4.52 -1.08
C GLY C 48 35.13 5.17 -2.39
N TYR C 49 33.96 5.84 -2.30
CA TYR C 49 33.45 6.59 -3.45
C TYR C 49 34.23 7.90 -3.52
N ARG C 50 34.55 8.31 -4.75
CA ARG C 50 34.77 9.71 -5.09
C ARG C 50 33.41 10.39 -5.24
N VAL C 51 33.30 11.65 -4.83
CA VAL C 51 31.97 12.22 -4.57
C VAL C 51 31.85 13.64 -5.12
N VAL C 52 30.68 13.98 -5.68
CA VAL C 52 30.30 15.35 -6.00
C VAL C 52 29.35 15.84 -4.91
N ILE C 53 29.75 16.93 -4.28
CA ILE C 53 28.93 17.58 -3.28
C ILE C 53 28.15 18.68 -3.98
N HIS C 54 26.86 18.45 -4.27
CA HIS C 54 26.05 19.48 -4.87
C HIS C 54 25.53 20.41 -3.79
N TYR C 55 25.37 21.67 -4.18
CA TYR C 55 24.89 22.69 -3.28
C TYR C 55 24.15 23.72 -4.13
N HIS C 56 23.21 24.41 -3.49
CA HIS C 56 22.55 25.57 -4.04
C HIS C 56 23.16 26.83 -3.42
N ASN C 57 23.04 26.96 -2.06
CA ASN C 57 23.40 28.19 -1.36
C ASN C 57 24.68 28.00 -0.55
N SER C 58 24.85 26.80 -0.01
CA SER C 58 25.83 26.54 1.02
C SER C 58 27.21 26.20 0.41
N ALA C 59 27.78 27.22 -0.26
CA ALA C 59 29.09 27.08 -0.86
C ALA C 59 30.15 26.82 0.21
N GLU C 60 30.10 27.61 1.28
CA GLU C 60 31.06 27.53 2.37
C GLU C 60 31.13 26.09 2.88
N ALA C 61 29.97 25.60 3.34
CA ALA C 61 29.78 24.25 3.85
C ALA C 61 30.22 23.20 2.83
N ALA C 62 29.84 23.40 1.55
CA ALA C 62 30.22 22.42 0.54
C ALA C 62 31.74 22.32 0.44
N VAL C 63 32.37 23.49 0.29
CA VAL C 63 33.83 23.51 0.17
C VAL C 63 34.50 22.92 1.41
N SER C 64 33.97 23.26 2.60
CA SER C 64 34.53 22.79 3.86
C SER C 64 34.50 21.27 3.93
N LEU C 65 33.36 20.67 3.48
CA LEU C 65 33.24 19.22 3.42
C LEU C 65 34.27 18.67 2.43
N ALA C 66 34.32 19.27 1.23
CA ALA C 66 35.29 18.90 0.20
C ALA C 66 36.71 18.86 0.77
N ASP C 67 37.02 19.86 1.58
CA ASP C 67 38.33 20.03 2.20
C ASP C 67 38.63 18.77 3.03
N GLU C 68 37.64 18.39 3.86
CA GLU C 68 37.77 17.31 4.83
C GLU C 68 38.00 15.98 4.13
N LEU C 69 37.29 15.76 3.01
CA LEU C 69 37.35 14.51 2.26
C LEU C 69 38.63 14.43 1.42
N ASN C 70 39.02 15.56 0.83
CA ASN C 70 40.27 15.61 0.07
C ASN C 70 41.50 15.41 0.99
N LYS C 71 41.43 15.88 2.24
CA LYS C 71 42.50 15.71 3.19
C LYS C 71 42.69 14.23 3.53
N GLU C 72 41.59 13.47 3.63
CA GLU C 72 41.68 12.04 3.88
CA GLU C 72 41.66 12.03 3.88
C GLU C 72 42.22 11.32 2.63
N ARG C 73 41.69 11.67 1.45
CA ARG C 73 42.04 11.03 0.20
C ARG C 73 42.13 12.08 -0.90
N SER C 74 43.33 12.25 -1.48
CA SER C 74 43.58 13.41 -2.30
C SER C 74 42.80 13.36 -3.62
N ASN C 75 42.15 14.48 -3.94
CA ASN C 75 41.46 14.68 -5.22
C ASN C 75 40.31 13.69 -5.37
N THR C 76 39.46 13.58 -4.34
CA THR C 76 38.37 12.62 -4.40
C THR C 76 37.03 13.28 -4.09
N ALA C 77 37.02 14.61 -3.95
CA ALA C 77 35.76 15.31 -3.69
C ALA C 77 35.78 16.66 -4.39
N VAL C 78 34.76 16.89 -5.23
CA VAL C 78 34.54 18.17 -5.88
C VAL C 78 33.19 18.70 -5.45
N VAL C 79 32.99 20.02 -5.60
CA VAL C 79 31.68 20.63 -5.41
C VAL C 79 31.05 21.01 -6.75
N CYS C 80 29.73 21.20 -6.72
CA CYS C 80 28.93 21.58 -7.87
C CYS C 80 27.77 22.47 -7.42
N GLN C 81 27.71 23.68 -7.99
CA GLN C 81 26.61 24.61 -7.79
C GLN C 81 25.53 24.34 -8.83
N ALA C 82 24.29 24.33 -8.35
CA ALA C 82 23.11 24.39 -9.21
C ALA C 82 21.89 24.68 -8.35
N ASP C 83 21.00 25.55 -8.85
CA ASP C 83 19.68 25.71 -8.25
C ASP C 83 18.71 24.68 -8.85
N LEU C 84 17.98 23.94 -7.99
CA LEU C 84 17.12 22.86 -8.43
C LEU C 84 15.61 23.21 -8.38
N THR C 85 15.27 24.51 -8.24
CA THR C 85 13.93 25.05 -8.50
C THR C 85 13.46 24.71 -9.94
N ASN C 86 12.13 24.74 -10.21
CA ASN C 86 11.54 24.38 -11.51
C ASN C 86 11.52 25.58 -12.47
N SER C 87 12.46 25.60 -13.43
CA SER C 87 12.56 26.62 -14.48
C SER C 87 12.90 25.98 -15.83
N ASN C 88 12.89 26.81 -16.88
CA ASN C 88 13.25 26.36 -18.22
C ASN C 88 14.68 25.85 -18.25
N VAL C 89 15.46 26.14 -17.18
CA VAL C 89 16.88 25.82 -17.07
C VAL C 89 17.18 24.63 -16.14
N LEU C 90 16.14 24.12 -15.47
CA LEU C 90 16.33 22.97 -14.59
C LEU C 90 17.03 21.86 -15.41
N PRO C 91 16.50 21.51 -16.60
CA PRO C 91 17.14 20.49 -17.42
C PRO C 91 18.64 20.65 -17.53
N ALA C 92 19.10 21.85 -17.98
CA ALA C 92 20.51 22.17 -18.09
C ALA C 92 21.24 22.04 -16.75
N SER C 93 20.62 22.56 -15.69
CA SER C 93 21.21 22.40 -14.36
C SER C 93 21.50 20.94 -14.02
N CYS C 94 20.52 20.05 -14.33
CA CYS C 94 20.61 18.65 -13.94
C CYS C 94 21.62 17.95 -14.83
N GLU C 95 21.68 18.36 -16.10
CA GLU C 95 22.74 17.88 -16.99
C GLU C 95 24.12 18.30 -16.46
N GLU C 96 24.22 19.53 -15.96
CA GLU C 96 25.49 20.02 -15.45
C GLU C 96 25.99 19.17 -14.29
N ILE C 97 25.05 18.79 -13.39
CA ILE C 97 25.41 18.13 -12.15
C ILE C 97 25.99 16.76 -12.49
N ILE C 98 25.29 16.05 -13.39
CA ILE C 98 25.75 14.72 -13.79
C ILE C 98 27.09 14.85 -14.53
N ASN C 99 27.18 15.92 -15.33
CA ASN C 99 28.37 16.19 -16.13
C ASN C 99 29.58 16.24 -15.21
N SER C 100 29.44 17.02 -14.14
CA SER C 100 30.60 17.42 -13.37
C SER C 100 31.19 16.16 -12.75
N CYS C 101 30.37 15.12 -12.66
CA CYS C 101 30.82 13.88 -12.07
C CYS C 101 31.69 13.13 -13.10
N PHE C 102 31.27 13.11 -14.37
CA PHE C 102 32.03 12.50 -15.46
C PHE C 102 33.33 13.29 -15.71
N ARG C 103 33.27 14.61 -15.56
CA ARG C 103 34.45 15.43 -15.75
C ARG C 103 35.50 15.14 -14.67
N ALA C 104 35.08 15.16 -13.39
CA ALA C 104 36.03 14.99 -12.31
C ALA C 104 36.58 13.57 -12.33
N PHE C 105 35.73 12.56 -12.63
CA PHE C 105 36.09 11.22 -12.21
C PHE C 105 35.97 10.24 -13.37
N GLY C 106 35.39 10.70 -14.47
CA GLY C 106 35.38 9.92 -15.69
C GLY C 106 34.27 8.86 -15.70
N ARG C 107 33.42 8.88 -14.65
CA ARG C 107 32.34 7.91 -14.49
C ARG C 107 31.39 8.47 -13.43
N CYS C 108 30.20 7.84 -13.32
CA CYS C 108 29.16 8.16 -12.36
C CYS C 108 28.33 6.91 -12.06
N ASP C 109 28.52 6.38 -10.84
CA ASP C 109 28.05 5.04 -10.50
C ASP C 109 26.73 5.17 -9.75
N VAL C 110 26.63 6.24 -8.96
CA VAL C 110 25.56 6.39 -7.99
C VAL C 110 25.08 7.83 -8.05
N LEU C 111 23.74 7.99 -8.09
CA LEU C 111 23.07 9.27 -7.92
C LEU C 111 22.16 9.19 -6.67
N VAL C 112 22.39 10.08 -5.70
CA VAL C 112 21.54 10.19 -4.52
C VAL C 112 20.74 11.48 -4.67
N ASN C 113 19.41 11.36 -4.82
CA ASN C 113 18.53 12.52 -4.89
C ASN C 113 18.04 12.88 -3.49
N ASN C 114 18.80 13.75 -2.84
CA ASN C 114 18.60 14.10 -1.44
C ASN C 114 17.99 15.49 -1.34
N ALA C 115 18.32 16.39 -2.28
CA ALA C 115 17.93 17.78 -2.11
C ALA C 115 16.42 17.87 -2.04
N SER C 116 15.93 18.80 -1.23
CA SER C 116 14.52 18.83 -0.91
C SER C 116 14.12 20.16 -0.27
N ALA C 117 12.94 20.65 -0.64
CA ALA C 117 12.31 21.80 0.01
C ALA C 117 11.17 21.31 0.89
N PHE C 118 10.79 22.10 1.91
CA PHE C 118 9.78 21.65 2.84
C PHE C 118 9.21 22.84 3.61
N TYR C 119 7.91 23.09 3.40
CA TYR C 119 7.15 24.12 4.10
C TYR C 119 5.66 23.95 3.80
N PRO C 120 4.75 24.49 4.65
CA PRO C 120 3.32 24.34 4.43
C PRO C 120 2.75 25.17 3.28
N THR C 121 1.72 24.62 2.62
CA THR C 121 0.99 25.32 1.58
C THR C 121 -0.50 25.12 1.79
N PRO C 122 -1.15 25.91 2.69
CA PRO C 122 -2.55 25.68 3.07
C PRO C 122 -3.51 25.80 1.89
N LEU C 123 -4.56 24.96 1.87
CA LEU C 123 -5.55 25.04 0.80
C LEU C 123 -6.53 26.18 1.04
N VAL C 124 -6.78 26.55 2.30
CA VAL C 124 -7.73 27.62 2.57
C VAL C 124 -6.97 28.91 2.91
N LYS C 135 5.99 33.83 -0.90
CA LYS C 135 6.09 32.97 -2.10
C LYS C 135 4.74 32.95 -2.82
N THR C 136 4.77 33.25 -4.12
CA THR C 136 3.68 32.94 -5.02
C THR C 136 3.55 31.42 -5.11
N VAL C 137 2.32 30.99 -5.35
CA VAL C 137 2.02 29.58 -5.46
CA VAL C 137 2.02 29.59 -5.46
C VAL C 137 2.98 28.92 -6.45
N GLU C 138 3.43 29.67 -7.47
CA GLU C 138 4.16 28.97 -8.52
C GLU C 138 5.65 28.84 -8.14
N THR C 139 6.15 29.73 -7.27
CA THR C 139 7.42 29.49 -6.61
C THR C 139 7.29 28.19 -5.80
N GLN C 140 6.21 28.11 -5.04
CA GLN C 140 5.88 26.95 -4.21
C GLN C 140 5.92 25.63 -5.01
N VAL C 141 5.20 25.62 -6.13
CA VAL C 141 5.22 24.52 -7.10
C VAL C 141 6.66 24.26 -7.56
N ALA C 142 7.38 25.35 -7.92
CA ALA C 142 8.69 25.17 -8.52
C ALA C 142 9.62 24.57 -7.47
N GLU C 143 9.43 24.98 -6.22
CA GLU C 143 10.28 24.43 -5.17
C GLU C 143 9.75 23.06 -4.79
N LEU C 144 8.49 23.00 -4.36
CA LEU C 144 7.98 21.78 -3.74
C LEU C 144 7.75 20.70 -4.77
N ILE C 145 7.36 21.06 -5.98
CA ILE C 145 7.23 20.03 -7.01
C ILE C 145 8.52 19.99 -7.81
N GLY C 146 9.07 21.18 -8.09
CA GLY C 146 10.31 21.24 -8.83
C GLY C 146 11.48 20.51 -8.17
N THR C 147 11.87 20.96 -6.96
CA THR C 147 13.05 20.38 -6.36
C THR C 147 12.78 18.94 -5.94
N ASN C 148 11.57 18.69 -5.45
CA ASN C 148 11.31 17.40 -4.82
C ASN C 148 11.02 16.29 -5.83
N ALA C 149 10.64 16.65 -7.06
CA ALA C 149 10.16 15.63 -7.96
C ALA C 149 10.74 15.75 -9.37
N ILE C 150 10.64 16.94 -9.95
CA ILE C 150 11.07 17.16 -11.34
C ILE C 150 12.58 17.05 -11.50
N ALA C 151 13.36 17.56 -10.54
CA ALA C 151 14.81 17.52 -10.68
C ALA C 151 15.29 16.09 -10.56
N PRO C 152 14.76 15.30 -9.58
CA PRO C 152 15.06 13.87 -9.56
C PRO C 152 14.82 13.24 -10.93
N PHE C 153 13.70 13.59 -11.55
CA PHE C 153 13.31 12.98 -12.83
C PHE C 153 14.33 13.39 -13.92
N LEU C 154 14.76 14.66 -13.86
CA LEU C 154 15.77 15.16 -14.81
C LEU C 154 17.17 14.59 -14.60
N LEU C 155 17.66 14.62 -13.35
CA LEU C 155 18.91 13.96 -13.00
C LEU C 155 18.86 12.49 -13.38
N THR C 156 17.69 11.83 -13.19
CA THR C 156 17.61 10.41 -13.52
C THR C 156 17.85 10.21 -15.02
N MET C 157 17.25 11.06 -15.81
CA MET C 157 17.34 11.02 -17.27
C MET C 157 18.79 11.24 -17.69
N SER C 158 19.45 12.25 -17.09
CA SER C 158 20.80 12.58 -17.51
C SER C 158 21.72 11.42 -17.11
N PHE C 159 21.59 10.95 -15.86
CA PHE C 159 22.41 9.85 -15.34
C PHE C 159 22.31 8.67 -16.30
N ALA C 160 21.08 8.39 -16.76
CA ALA C 160 20.83 7.17 -17.52
C ALA C 160 21.41 7.32 -18.93
N GLN C 161 21.14 8.48 -19.52
CA GLN C 161 21.57 8.92 -20.85
C GLN C 161 23.07 8.76 -21.01
N ARG C 162 23.84 9.05 -19.94
CA ARG C 162 25.29 9.08 -19.99
C ARG C 162 25.88 7.72 -19.65
N GLN C 163 25.04 6.70 -19.43
CA GLN C 163 25.57 5.36 -19.27
C GLN C 163 25.38 4.57 -20.57
N SER C 173 29.62 -3.24 -13.72
CA SER C 173 29.17 -2.01 -13.01
C SER C 173 28.11 -2.35 -11.97
N ASN C 174 28.06 -1.52 -10.92
CA ASN C 174 26.97 -1.48 -9.95
C ASN C 174 26.42 -0.06 -9.93
N LEU C 175 25.58 0.25 -10.92
CA LEU C 175 24.96 1.56 -11.05
C LEU C 175 23.62 1.55 -10.31
N SER C 176 23.29 2.66 -9.64
CA SER C 176 22.00 2.79 -8.95
C SER C 176 21.71 4.24 -8.61
N ILE C 177 20.42 4.53 -8.33
CA ILE C 177 19.95 5.83 -7.92
C ILE C 177 19.15 5.66 -6.63
N VAL C 178 19.31 6.58 -5.67
CA VAL C 178 18.59 6.48 -4.40
C VAL C 178 17.86 7.80 -4.20
N ASN C 179 16.52 7.73 -4.02
CA ASN C 179 15.68 8.91 -3.86
C ASN C 179 15.27 9.08 -2.40
N LEU C 180 15.40 10.29 -1.83
CA LEU C 180 14.98 10.53 -0.45
C LEU C 180 13.48 10.81 -0.39
N CYS C 181 12.74 9.77 0.08
CA CYS C 181 11.30 9.84 0.12
C CYS C 181 10.84 10.34 1.48
N ASP C 182 9.63 9.93 1.90
CA ASP C 182 9.12 10.36 3.20
C ASP C 182 8.18 9.25 3.74
N ALA C 183 8.48 8.75 4.94
CA ALA C 183 7.78 7.60 5.50
C ALA C 183 6.36 7.99 5.92
N MET C 184 6.08 9.29 6.05
CA MET C 184 4.78 9.73 6.57
C MET C 184 3.88 10.24 5.44
N VAL C 185 4.15 9.83 4.21
CA VAL C 185 3.48 10.24 3.00
C VAL C 185 1.98 9.92 3.02
N ASP C 186 1.61 8.82 3.70
CA ASP C 186 0.22 8.39 3.77
C ASP C 186 -0.51 8.94 5.00
N GLN C 187 0.21 9.61 5.90
CA GLN C 187 -0.40 10.22 7.07
C GLN C 187 0.20 11.62 7.20
N PRO C 188 -0.08 12.51 6.23
CA PRO C 188 0.72 13.72 6.05
C PRO C 188 0.44 14.80 7.10
N CSX C 189 1.38 15.74 7.21
CA CSX C 189 1.18 16.93 8.02
CB CSX C 189 2.47 17.75 8.11
SG CSX C 189 3.68 16.75 9.01
C CSX C 189 0.05 17.76 7.44
O CSX C 189 -0.09 17.88 6.22
OD CSX C 189 3.28 16.77 10.46
N MET C 190 -0.79 18.28 8.34
CA MET C 190 -1.87 19.20 8.00
C MET C 190 -1.28 20.38 7.21
N ALA C 191 -1.91 20.72 6.07
CA ALA C 191 -1.53 21.90 5.30
C ALA C 191 -0.23 21.74 4.54
N PHE C 192 0.19 20.51 4.23
CA PHE C 192 1.40 20.24 3.47
C PHE C 192 1.10 19.52 2.14
N SER C 193 0.00 19.90 1.49
CA SER C 193 -0.44 19.19 0.30
CA SER C 193 -0.47 19.27 0.26
C SER C 193 0.62 19.20 -0.81
N LEU C 194 1.19 20.38 -1.15
CA LEU C 194 2.13 20.39 -2.27
C LEU C 194 3.36 19.58 -1.95
N TYR C 195 3.85 19.72 -0.71
CA TYR C 195 4.97 18.91 -0.30
C TYR C 195 4.65 17.43 -0.45
N ASN C 196 3.51 17.02 0.14
CA ASN C 196 3.04 15.64 0.07
C ASN C 196 2.91 15.19 -1.38
N MET C 197 2.37 16.06 -2.25
CA MET C 197 2.19 15.67 -3.65
C MET C 197 3.54 15.35 -4.30
N GLY C 198 4.54 16.21 -4.02
CA GLY C 198 5.86 16.03 -4.60
C GLY C 198 6.50 14.72 -4.11
N LYS C 199 6.34 14.40 -2.81
CA LYS C 199 6.93 13.17 -2.30
C LYS C 199 6.22 11.92 -2.86
N HIS C 200 4.91 11.99 -3.01
CA HIS C 200 4.17 10.93 -3.71
C HIS C 200 4.70 10.78 -5.13
N ALA C 201 4.87 11.91 -5.83
CA ALA C 201 5.44 11.88 -7.19
C ALA C 201 6.81 11.21 -7.21
N LEU C 202 7.63 11.42 -6.17
CA LEU C 202 8.94 10.79 -6.06
C LEU C 202 8.85 9.28 -5.90
N VAL C 203 7.81 8.78 -5.19
CA VAL C 203 7.55 7.34 -5.16
C VAL C 203 7.24 6.85 -6.57
N GLY C 204 6.38 7.58 -7.30
CA GLY C 204 6.05 7.22 -8.69
C GLY C 204 7.31 7.13 -9.55
N LEU C 205 8.18 8.14 -9.40
CA LEU C 205 9.41 8.15 -10.17
C LEU C 205 10.28 6.94 -9.82
N THR C 206 10.39 6.66 -8.51
CA THR C 206 11.20 5.53 -8.06
C THR C 206 10.75 4.26 -8.75
N GLN C 207 9.42 3.99 -8.74
CA GLN C 207 8.89 2.79 -9.35
C GLN C 207 9.07 2.81 -10.87
N SER C 208 8.65 3.90 -11.52
CA SER C 208 8.66 3.93 -12.98
C SER C 208 10.10 3.86 -13.50
N ALA C 209 11.02 4.54 -12.83
CA ALA C 209 12.43 4.55 -13.26
C ALA C 209 13.08 3.20 -12.99
N ALA C 210 12.74 2.56 -11.85
CA ALA C 210 13.26 1.21 -11.62
C ALA C 210 12.85 0.29 -12.77
N LEU C 211 11.58 0.35 -13.15
CA LEU C 211 11.13 -0.56 -14.20
C LEU C 211 11.89 -0.28 -15.50
N GLU C 212 11.96 0.99 -15.88
CA GLU C 212 12.48 1.41 -17.18
C GLU C 212 13.99 1.23 -17.31
N LEU C 213 14.73 1.32 -16.19
CA LEU C 213 16.19 1.33 -16.24
C LEU C 213 16.78 -0.02 -15.85
N ALA C 214 15.94 -0.93 -15.35
CA ALA C 214 16.41 -2.25 -14.97
C ALA C 214 17.13 -2.91 -16.15
N PRO C 215 16.62 -2.77 -17.40
CA PRO C 215 17.29 -3.36 -18.57
C PRO C 215 18.74 -2.93 -18.78
N TYR C 216 19.10 -1.75 -18.24
CA TYR C 216 20.42 -1.16 -18.38
C TYR C 216 21.26 -1.40 -17.14
N GLY C 217 20.77 -2.23 -16.21
CA GLY C 217 21.51 -2.57 -14.99
C GLY C 217 21.58 -1.41 -13.99
N ILE C 218 20.74 -0.39 -14.19
CA ILE C 218 20.64 0.72 -13.24
C ILE C 218 19.50 0.40 -12.27
N ARG C 219 19.82 0.29 -10.98
CA ARG C 219 18.82 0.09 -9.95
C ARG C 219 18.32 1.44 -9.45
N VAL C 220 17.07 1.49 -8.95
CA VAL C 220 16.52 2.77 -8.51
C VAL C 220 15.71 2.48 -7.25
N ASN C 221 16.05 3.14 -6.13
CA ASN C 221 15.44 2.78 -4.86
C ASN C 221 15.20 4.03 -4.02
N GLY C 222 14.49 3.87 -2.90
CA GLY C 222 14.23 5.02 -2.06
C GLY C 222 14.59 4.75 -0.59
N VAL C 223 14.80 5.83 0.15
CA VAL C 223 14.98 5.79 1.59
C VAL C 223 14.01 6.83 2.11
N ALA C 224 13.16 6.40 3.05
CA ALA C 224 12.06 7.22 3.54
C ALA C 224 12.25 7.49 5.04
N PRO C 225 12.87 8.61 5.44
CA PRO C 225 13.04 8.95 6.86
C PRO C 225 11.70 9.35 7.47
N GLY C 226 11.59 9.24 8.80
CA GLY C 226 10.40 9.71 9.49
C GLY C 226 10.67 11.11 10.04
N VAL C 227 10.84 11.19 11.36
CA VAL C 227 11.42 12.41 11.92
C VAL C 227 12.93 12.19 12.02
N SER C 228 13.67 13.02 11.31
CA SER C 228 15.15 13.00 11.45
C SER C 228 15.54 14.37 12.01
N LEU C 229 16.77 14.82 11.75
CA LEU C 229 17.13 16.20 12.18
C LEU C 229 15.90 17.10 11.98
N LEU C 230 15.42 17.72 13.05
CA LEU C 230 14.19 18.55 12.96
C LEU C 230 14.54 19.96 12.45
N MET C 234 11.68 25.41 14.10
CA MET C 234 11.03 24.51 15.09
C MET C 234 11.65 24.75 16.46
N GLY C 235 10.80 24.91 17.48
CA GLY C 235 11.25 25.06 18.85
C GLY C 235 11.80 23.76 19.42
N GLU C 236 12.02 23.75 20.74
CA GLU C 236 12.63 22.62 21.42
C GLU C 236 11.55 21.76 22.06
N GLU C 237 10.45 22.41 22.48
CA GLU C 237 9.31 21.74 23.08
C GLU C 237 8.45 21.11 21.98
N GLU C 238 8.38 21.79 20.83
CA GLU C 238 7.71 21.27 19.64
C GLU C 238 8.43 20.00 19.17
N LYS C 239 9.77 20.01 19.29
CA LYS C 239 10.63 18.94 18.81
C LYS C 239 10.51 17.72 19.72
N ASP C 240 10.32 17.97 21.03
CA ASP C 240 10.19 16.94 22.04
C ASP C 240 8.88 16.17 21.84
N LYS C 241 7.80 16.90 21.50
CA LYS C 241 6.50 16.36 21.18
C LYS C 241 6.65 15.22 20.17
N TRP C 242 7.42 15.48 19.10
CA TRP C 242 7.65 14.54 18.01
C TRP C 242 8.48 13.35 18.45
N ARG C 243 9.51 13.60 19.27
CA ARG C 243 10.46 12.58 19.69
C ARG C 243 9.74 11.49 20.50
N ARG C 244 8.78 11.91 21.33
CA ARG C 244 8.07 11.01 22.25
C ARG C 244 7.11 10.08 21.49
N LYS C 245 6.79 10.41 20.24
CA LYS C 245 5.85 9.62 19.45
C LYS C 245 6.57 8.40 18.86
N VAL C 246 7.90 8.46 18.74
CA VAL C 246 8.65 7.45 18.00
C VAL C 246 8.77 6.20 18.87
N PRO C 247 8.24 5.04 18.43
CA PRO C 247 8.35 3.79 19.20
C PRO C 247 9.76 3.36 19.57
N LEU C 248 10.69 3.46 18.63
CA LEU C 248 12.03 2.97 18.84
C LEU C 248 12.88 4.08 19.48
N GLY C 249 12.78 4.27 20.79
CA GLY C 249 13.78 5.04 21.53
C GLY C 249 13.42 6.51 21.68
N ARG C 250 12.21 6.89 21.25
CA ARG C 250 11.63 8.18 21.61
C ARG C 250 12.56 9.33 21.19
N ARG C 251 13.17 9.19 20.01
CA ARG C 251 14.16 10.13 19.49
C ARG C 251 14.14 10.13 17.96
N GLU C 252 14.67 11.20 17.37
CA GLU C 252 14.79 11.33 15.92
C GLU C 252 15.95 10.45 15.40
N ALA C 253 15.84 10.11 14.11
CA ALA C 253 16.94 9.46 13.40
C ALA C 253 18.05 10.49 13.25
N SER C 254 19.28 10.06 13.58
CA SER C 254 20.45 10.81 13.16
C SER C 254 20.54 10.78 11.63
N ALA C 255 21.21 11.79 11.06
CA ALA C 255 21.46 11.83 9.62
C ALA C 255 22.23 10.58 9.19
N GLU C 256 23.16 10.13 10.04
CA GLU C 256 23.97 8.99 9.69
C GLU C 256 23.13 7.72 9.56
N GLN C 257 22.04 7.61 10.34
CA GLN C 257 21.21 6.41 10.23
C GLN C 257 20.56 6.37 8.85
N ILE C 258 20.17 7.55 8.38
CA ILE C 258 19.58 7.65 7.04
C ILE C 258 20.63 7.21 6.03
N ALA C 259 21.85 7.72 6.21
CA ALA C 259 22.94 7.47 5.29
C ALA C 259 23.29 5.99 5.23
N ASP C 260 23.17 5.30 6.36
CA ASP C 260 23.43 3.87 6.43
C ASP C 260 22.58 3.09 5.40
N ALA C 261 21.31 3.47 5.30
CA ALA C 261 20.36 2.82 4.41
C ALA C 261 20.73 3.04 2.95
N VAL C 262 21.11 4.28 2.64
CA VAL C 262 21.63 4.62 1.33
C VAL C 262 22.82 3.71 0.97
N ILE C 263 23.80 3.63 1.87
CA ILE C 263 25.00 2.82 1.66
C ILE C 263 24.62 1.40 1.30
N PHE C 264 23.66 0.82 2.05
CA PHE C 264 23.20 -0.53 1.78
C PHE C 264 22.71 -0.59 0.33
N LEU C 265 21.89 0.38 -0.06
CA LEU C 265 21.20 0.28 -1.34
C LEU C 265 22.18 0.38 -2.51
N VAL C 266 23.29 1.12 -2.35
CA VAL C 266 24.28 1.29 -3.43
C VAL C 266 25.24 0.09 -3.50
N SER C 267 25.35 -0.63 -2.38
CA SER C 267 26.34 -1.66 -2.18
C SER C 267 26.00 -2.90 -3.01
N GLY C 268 26.97 -3.83 -3.06
CA GLY C 268 26.82 -5.10 -3.77
C GLY C 268 25.85 -6.02 -3.06
N SER C 269 25.53 -5.71 -1.79
CA SER C 269 24.58 -6.48 -0.99
C SER C 269 23.13 -6.19 -1.40
N ALA C 270 22.94 -5.26 -2.35
CA ALA C 270 21.62 -4.85 -2.81
C ALA C 270 21.50 -5.02 -4.33
N GLN C 271 22.32 -5.90 -4.90
CA GLN C 271 22.40 -6.01 -6.35
C GLN C 271 21.10 -6.51 -6.99
N TYR C 272 20.24 -7.15 -6.20
CA TYR C 272 18.94 -7.57 -6.74
C TYR C 272 17.82 -6.62 -6.36
N ILE C 273 18.11 -5.56 -5.60
CA ILE C 273 17.09 -4.65 -5.09
C ILE C 273 16.84 -3.47 -6.03
N THR C 274 15.63 -3.42 -6.66
CA THR C 274 15.22 -2.20 -7.35
C THR C 274 13.72 -1.96 -7.14
N GLY C 275 13.35 -0.67 -7.13
CA GLY C 275 11.97 -0.27 -6.93
C GLY C 275 11.51 -0.41 -5.48
N SER C 276 12.46 -0.51 -4.55
CA SER C 276 12.17 -0.67 -3.13
C SER C 276 12.38 0.65 -2.40
N ILE C 277 11.51 0.93 -1.44
CA ILE C 277 11.67 2.08 -0.59
C ILE C 277 11.84 1.57 0.83
N ILE C 278 12.97 1.91 1.47
CA ILE C 278 13.23 1.41 2.80
C ILE C 278 12.87 2.52 3.77
N LYS C 279 11.90 2.27 4.66
CA LYS C 279 11.60 3.24 5.69
C LYS C 279 12.67 3.16 6.76
N VAL C 280 13.03 4.33 7.28
CA VAL C 280 13.99 4.47 8.37
C VAL C 280 13.37 5.49 9.33
N ASP C 281 12.40 5.02 10.13
CA ASP C 281 11.53 5.91 10.86
C ASP C 281 11.36 5.52 12.32
N GLY C 282 12.07 4.48 12.76
CA GLY C 282 11.94 4.03 14.16
C GLY C 282 10.52 3.57 14.54
N GLY C 283 9.72 3.23 13.50
CA GLY C 283 8.35 2.77 13.65
C GLY C 283 7.28 3.87 13.70
N LEU C 284 7.65 5.15 13.47
CA LEU C 284 6.74 6.28 13.62
C LEU C 284 5.48 6.08 12.74
N SER C 285 5.66 5.58 11.52
CA SER C 285 4.52 5.46 10.62
C SER C 285 3.50 4.40 11.09
N LEU C 286 3.87 3.52 12.04
CA LEU C 286 2.95 2.48 12.51
C LEU C 286 2.03 3.02 13.60
N VAL C 287 2.30 4.25 14.08
CA VAL C 287 1.59 4.75 15.25
C VAL C 287 0.27 5.44 14.86
N HIS C 288 -0.86 4.96 15.39
CA HIS C 288 -2.11 5.62 15.05
C HIS C 288 -2.25 6.94 15.81
N ALA C 289 -3.20 7.76 15.31
CA ALA C 289 -3.68 9.02 15.87
C ALA C 289 -3.94 8.91 17.38
N GLU D 23 31.31 -13.19 24.23
CA GLU D 23 30.25 -14.09 23.67
C GLU D 23 29.85 -13.58 22.28
N ALA D 24 29.74 -14.51 21.33
CA ALA D 24 29.16 -14.20 20.04
C ALA D 24 27.64 -14.11 20.19
N PRO D 25 26.92 -13.22 19.47
CA PRO D 25 25.46 -13.25 19.51
C PRO D 25 24.98 -14.56 18.89
N ALA D 26 23.72 -14.92 19.13
CA ALA D 26 23.15 -16.15 18.61
C ALA D 26 21.85 -15.87 17.85
N ALA D 27 21.59 -16.67 16.80
CA ALA D 27 20.39 -16.50 15.98
C ALA D 27 19.65 -17.83 15.82
N VAL D 28 18.31 -17.76 15.79
CA VAL D 28 17.49 -18.88 15.34
C VAL D 28 17.07 -18.58 13.89
N VAL D 29 17.29 -19.54 13.00
CA VAL D 29 16.75 -19.49 11.63
C VAL D 29 15.82 -20.70 11.44
N THR D 30 14.55 -20.45 11.09
CA THR D 30 13.62 -21.54 10.84
C THR D 30 13.74 -22.03 9.41
N GLY D 31 13.47 -23.32 9.22
CA GLY D 31 13.61 -24.00 7.94
C GLY D 31 14.99 -23.73 7.33
N ALA D 32 16.04 -23.93 8.14
CA ALA D 32 17.38 -23.48 7.73
C ALA D 32 18.19 -24.61 7.08
N ALA D 33 17.58 -25.76 6.81
CA ALA D 33 18.35 -26.88 6.28
C ALA D 33 18.76 -26.65 4.83
N LYS D 34 17.89 -26.01 4.05
CA LYS D 34 18.10 -25.95 2.60
C LYS D 34 17.81 -24.53 2.14
N ARG D 35 18.18 -24.22 0.89
CA ARG D 35 17.70 -23.06 0.14
C ARG D 35 17.93 -21.71 0.86
N ILE D 36 16.87 -20.91 1.06
CA ILE D 36 17.15 -19.54 1.46
C ILE D 36 17.56 -19.54 2.94
N GLY D 37 16.86 -20.34 3.75
CA GLY D 37 17.15 -20.45 5.19
C GLY D 37 18.62 -20.85 5.43
N ARG D 38 19.12 -21.75 4.59
CA ARG D 38 20.49 -22.21 4.70
C ARG D 38 21.44 -21.05 4.41
N ALA D 39 21.18 -20.35 3.30
CA ALA D 39 22.00 -19.21 2.93
C ALA D 39 21.97 -18.16 4.04
N ILE D 40 20.82 -18.01 4.75
CA ILE D 40 20.74 -17.04 5.84
C ILE D 40 21.58 -17.53 7.03
N ALA D 41 21.47 -18.81 7.38
CA ALA D 41 22.22 -19.37 8.50
C ALA D 41 23.72 -19.22 8.22
N VAL D 42 24.13 -19.61 7.00
CA VAL D 42 25.53 -19.54 6.60
C VAL D 42 26.05 -18.12 6.77
N LYS D 43 25.30 -17.13 6.26
CA LYS D 43 25.78 -15.77 6.23
C LYS D 43 25.76 -15.14 7.63
N LEU D 44 24.80 -15.53 8.46
CA LEU D 44 24.81 -15.09 9.86
C LEU D 44 26.09 -15.62 10.55
N HIS D 45 26.40 -16.88 10.27
CA HIS D 45 27.55 -17.55 10.87
C HIS D 45 28.83 -16.84 10.43
N GLN D 46 28.94 -16.58 9.13
CA GLN D 46 30.08 -15.89 8.56
C GLN D 46 30.23 -14.49 9.13
N THR D 47 29.17 -13.95 9.74
CA THR D 47 29.22 -12.63 10.32
C THR D 47 29.53 -12.70 11.82
N GLY D 48 29.64 -13.90 12.37
CA GLY D 48 30.03 -14.02 13.77
C GLY D 48 28.96 -14.61 14.67
N TYR D 49 27.79 -14.94 14.11
CA TYR D 49 26.70 -15.47 14.90
C TYR D 49 26.90 -16.97 15.15
N ARG D 50 26.48 -17.41 16.34
CA ARG D 50 26.13 -18.80 16.57
C ARG D 50 24.68 -19.05 16.10
N VAL D 51 24.41 -20.23 15.53
CA VAL D 51 23.15 -20.47 14.84
C VAL D 51 22.45 -21.74 15.32
N VAL D 52 21.12 -21.61 15.56
CA VAL D 52 20.22 -22.75 15.68
C VAL D 52 19.58 -22.93 14.32
N ILE D 53 19.79 -24.12 13.77
CA ILE D 53 19.27 -24.55 12.49
C ILE D 53 18.01 -25.38 12.73
N HIS D 54 16.86 -24.72 12.55
CA HIS D 54 15.58 -25.41 12.67
C HIS D 54 15.33 -26.17 11.37
N TYR D 55 14.75 -27.37 11.51
CA TYR D 55 14.32 -28.16 10.37
C TYR D 55 13.05 -28.92 10.77
N HIS D 56 12.34 -29.43 9.76
CA HIS D 56 11.19 -30.29 10.02
C HIS D 56 11.53 -31.70 9.55
N ASN D 57 11.70 -31.86 8.23
CA ASN D 57 11.97 -33.17 7.65
C ASN D 57 13.42 -33.30 7.18
N SER D 58 14.12 -32.19 6.92
CA SER D 58 15.44 -32.30 6.30
C SER D 58 16.55 -32.55 7.34
N ALA D 59 16.42 -33.68 8.07
CA ALA D 59 17.34 -34.16 9.09
C ALA D 59 18.80 -34.19 8.61
N GLU D 60 19.05 -34.87 7.49
CA GLU D 60 20.40 -35.03 6.94
C GLU D 60 21.01 -33.70 6.54
N ALA D 61 20.27 -32.88 5.78
CA ALA D 61 20.80 -31.59 5.34
C ALA D 61 21.08 -30.68 6.53
N ALA D 62 20.21 -30.73 7.55
CA ALA D 62 20.35 -29.97 8.78
C ALA D 62 21.70 -30.27 9.44
N VAL D 63 21.91 -31.55 9.72
CA VAL D 63 23.07 -32.02 10.46
C VAL D 63 24.33 -31.74 9.64
N SER D 64 24.23 -31.90 8.32
CA SER D 64 25.31 -31.59 7.41
C SER D 64 25.76 -30.12 7.49
N LEU D 65 24.79 -29.19 7.55
CA LEU D 65 25.16 -27.78 7.67
C LEU D 65 25.85 -27.52 9.01
N ALA D 66 25.30 -28.07 10.10
CA ALA D 66 25.81 -27.75 11.43
C ALA D 66 27.25 -28.26 11.55
N ASP D 67 27.49 -29.45 10.98
CA ASP D 67 28.83 -30.05 10.90
C ASP D 67 29.76 -29.11 10.14
N GLU D 68 29.29 -28.57 9.01
CA GLU D 68 30.10 -27.68 8.20
C GLU D 68 30.43 -26.39 8.95
N LEU D 69 29.49 -25.88 9.76
CA LEU D 69 29.69 -24.62 10.46
C LEU D 69 30.60 -24.83 11.67
N ASN D 70 30.42 -25.97 12.35
CA ASN D 70 31.18 -26.31 13.54
C ASN D 70 32.65 -26.58 13.20
N LYS D 71 32.89 -27.24 12.05
CA LYS D 71 34.24 -27.40 11.53
C LYS D 71 34.90 -26.03 11.37
N GLU D 72 34.13 -25.01 10.96
CA GLU D 72 34.67 -23.70 10.64
C GLU D 72 35.02 -22.95 11.93
N ARG D 73 34.14 -23.07 12.92
CA ARG D 73 34.42 -22.61 14.27
C ARG D 73 33.65 -23.54 15.19
N SER D 74 34.36 -24.24 16.07
CA SER D 74 33.72 -25.25 16.90
C SER D 74 32.72 -24.61 17.86
N ASN D 75 31.64 -25.34 18.14
CA ASN D 75 30.65 -25.04 19.16
C ASN D 75 29.75 -23.85 18.77
N THR D 76 29.53 -23.66 17.46
CA THR D 76 28.84 -22.45 17.01
C THR D 76 27.52 -22.74 16.27
N ALA D 77 27.09 -24.00 16.21
CA ALA D 77 25.89 -24.39 15.47
C ALA D 77 25.24 -25.63 16.08
N VAL D 78 23.91 -25.56 16.31
CA VAL D 78 23.13 -26.72 16.65
C VAL D 78 21.96 -26.85 15.68
N VAL D 79 21.29 -28.01 15.71
CA VAL D 79 20.03 -28.22 15.02
C VAL D 79 18.89 -28.35 16.03
N CYS D 80 17.65 -28.13 15.57
CA CYS D 80 16.46 -28.26 16.40
C CYS D 80 15.30 -28.65 15.49
N GLN D 81 14.66 -29.79 15.77
CA GLN D 81 13.61 -30.32 14.92
C GLN D 81 12.24 -29.88 15.46
N ALA D 82 11.33 -29.46 14.56
CA ALA D 82 9.99 -29.09 14.98
C ALA D 82 9.06 -28.96 13.78
N ASP D 83 7.87 -29.54 13.92
CA ASP D 83 6.78 -29.30 12.98
C ASP D 83 6.14 -27.96 13.32
N LEU D 84 6.06 -27.05 12.31
CA LEU D 84 5.49 -25.71 12.51
C LEU D 84 4.04 -25.60 12.01
N THR D 85 3.43 -26.77 11.78
CA THR D 85 2.01 -26.84 11.45
C THR D 85 1.22 -26.34 12.66
N ASN D 86 0.12 -25.62 12.43
CA ASN D 86 -0.75 -25.17 13.51
C ASN D 86 -1.37 -26.38 14.22
N SER D 87 -1.41 -26.30 15.56
CA SER D 87 -2.02 -27.30 16.40
C SER D 87 -2.02 -26.71 17.80
N ASN D 88 -2.67 -27.40 18.73
CA ASN D 88 -2.67 -26.99 20.13
C ASN D 88 -1.27 -27.12 20.76
N VAL D 89 -0.33 -27.79 20.10
CA VAL D 89 0.98 -27.86 20.72
C VAL D 89 2.01 -27.02 19.96
N LEU D 90 1.57 -26.28 18.93
CA LEU D 90 2.56 -25.44 18.28
C LEU D 90 3.16 -24.44 19.27
N PRO D 91 2.46 -23.83 20.24
CA PRO D 91 3.15 -22.89 21.14
C PRO D 91 4.33 -23.51 21.90
N ALA D 92 4.17 -24.77 22.32
CA ALA D 92 5.18 -25.48 23.08
C ALA D 92 6.34 -25.79 22.15
N SER D 93 6.06 -26.12 20.89
CA SER D 93 7.13 -26.37 19.94
C SER D 93 7.91 -25.09 19.66
N CYS D 94 7.20 -23.94 19.55
CA CYS D 94 7.90 -22.68 19.27
C CYS D 94 8.75 -22.27 20.48
N GLU D 95 8.18 -22.45 21.67
CA GLU D 95 8.90 -22.16 22.91
C GLU D 95 10.19 -22.96 22.95
N GLU D 96 10.11 -24.22 22.48
CA GLU D 96 11.22 -25.15 22.49
C GLU D 96 12.31 -24.68 21.55
N ILE D 97 11.97 -24.16 20.35
CA ILE D 97 12.94 -23.68 19.40
C ILE D 97 13.78 -22.58 20.03
N ILE D 98 13.11 -21.66 20.72
CA ILE D 98 13.79 -20.53 21.33
C ILE D 98 14.63 -21.05 22.51
N ASN D 99 14.05 -21.95 23.30
CA ASN D 99 14.69 -22.56 24.45
C ASN D 99 16.01 -23.20 24.03
N SER D 100 16.00 -23.86 22.87
CA SER D 100 17.16 -24.57 22.36
CA SER D 100 17.16 -24.57 22.36
C SER D 100 18.32 -23.61 22.11
N CYS D 101 18.01 -22.36 21.74
CA CYS D 101 19.05 -21.37 21.51
C CYS D 101 19.65 -20.95 22.85
N PHE D 102 18.80 -20.81 23.89
CA PHE D 102 19.37 -20.40 25.17
C PHE D 102 20.20 -21.55 25.77
N ARG D 103 19.67 -22.77 25.64
CA ARG D 103 20.33 -23.96 26.14
C ARG D 103 21.69 -24.10 25.46
N ALA D 104 21.72 -23.99 24.12
CA ALA D 104 23.00 -24.13 23.43
C ALA D 104 23.95 -22.96 23.68
N PHE D 105 23.44 -21.72 23.81
CA PHE D 105 24.32 -20.57 23.63
C PHE D 105 24.16 -19.50 24.70
N GLY D 106 23.17 -19.67 25.59
CA GLY D 106 23.00 -18.74 26.71
C GLY D 106 22.35 -17.41 26.33
N ARG D 107 21.90 -17.26 25.07
CA ARG D 107 21.32 -16.00 24.64
C ARG D 107 20.56 -16.24 23.34
N CYS D 108 19.70 -15.30 22.96
CA CYS D 108 19.09 -15.40 21.62
C CYS D 108 18.84 -13.97 21.15
N ASP D 109 19.63 -13.55 20.16
CA ASP D 109 19.70 -12.15 19.74
C ASP D 109 18.83 -11.91 18.50
N VAL D 110 18.73 -12.92 17.64
CA VAL D 110 18.09 -12.72 16.34
C VAL D 110 17.15 -13.89 16.09
N LEU D 111 15.93 -13.60 15.61
CA LEU D 111 15.06 -14.66 15.12
C LEU D 111 14.79 -14.39 13.64
N VAL D 112 14.99 -15.41 12.78
CA VAL D 112 14.64 -15.33 11.36
C VAL D 112 13.52 -16.31 11.07
N ASN D 113 12.32 -15.76 10.77
CA ASN D 113 11.16 -16.60 10.49
C ASN D 113 11.14 -16.87 9.00
N ASN D 114 11.76 -17.98 8.58
CA ASN D 114 12.01 -18.29 7.19
C ASN D 114 11.14 -19.47 6.76
N ALA D 115 10.86 -20.44 7.65
CA ALA D 115 10.18 -21.67 7.27
C ALA D 115 8.83 -21.34 6.64
N SER D 116 8.44 -22.11 5.61
CA SER D 116 7.25 -21.75 4.85
C SER D 116 6.70 -22.96 4.11
N ALA D 117 5.40 -23.21 4.25
CA ALA D 117 4.66 -24.10 3.36
C ALA D 117 4.12 -23.31 2.17
N PHE D 118 4.12 -23.92 0.98
CA PHE D 118 3.71 -23.21 -0.21
C PHE D 118 3.20 -24.21 -1.23
N TYR D 119 1.88 -24.20 -1.43
CA TYR D 119 1.22 -25.06 -2.41
C TYR D 119 -0.17 -24.47 -2.71
N PRO D 120 -0.79 -24.81 -3.86
CA PRO D 120 -2.15 -24.34 -4.19
C PRO D 120 -3.26 -24.91 -3.31
N THR D 121 -4.27 -24.07 -3.05
CA THR D 121 -5.47 -24.39 -2.30
C THR D 121 -6.64 -23.75 -3.03
N PRO D 122 -7.04 -24.31 -4.21
CA PRO D 122 -8.06 -23.69 -5.06
C PRO D 122 -9.37 -23.56 -4.28
N LEU D 123 -10.11 -22.47 -4.54
CA LEU D 123 -11.37 -22.25 -3.86
C LEU D 123 -12.45 -23.15 -4.46
N VAL D 124 -12.27 -23.49 -5.74
CA VAL D 124 -13.26 -24.30 -6.45
C VAL D 124 -12.67 -25.67 -6.77
N GLN D 125 -13.33 -26.72 -6.26
CA GLN D 125 -13.01 -28.12 -6.50
C GLN D 125 -13.85 -28.63 -7.69
N GLY D 134 -3.98 -34.52 -1.73
CA GLY D 134 -5.14 -35.17 -1.08
C GLY D 134 -5.22 -34.82 0.41
N LYS D 135 -4.78 -33.60 0.77
CA LYS D 135 -4.87 -33.10 2.13
C LYS D 135 -6.26 -32.55 2.39
N THR D 136 -6.75 -32.73 3.62
CA THR D 136 -8.03 -32.15 3.97
C THR D 136 -7.86 -30.63 4.04
N VAL D 137 -8.98 -29.92 3.96
CA VAL D 137 -8.89 -28.47 4.07
C VAL D 137 -8.36 -28.08 5.46
N GLU D 138 -8.76 -28.82 6.50
CA GLU D 138 -8.26 -28.60 7.87
C GLU D 138 -6.73 -28.59 7.89
N THR D 139 -6.12 -29.56 7.21
CA THR D 139 -4.68 -29.73 7.15
C THR D 139 -4.03 -28.59 6.36
N GLN D 140 -4.63 -28.22 5.22
CA GLN D 140 -4.11 -27.12 4.41
C GLN D 140 -4.06 -25.82 5.22
N VAL D 141 -5.10 -25.60 6.00
CA VAL D 141 -5.15 -24.41 6.82
C VAL D 141 -4.06 -24.47 7.89
N ALA D 142 -3.95 -25.65 8.52
CA ALA D 142 -2.97 -25.83 9.59
C ALA D 142 -1.55 -25.57 9.09
N GLU D 143 -1.21 -26.05 7.89
CA GLU D 143 0.15 -25.96 7.40
C GLU D 143 0.47 -24.56 6.87
N LEU D 144 -0.40 -24.05 6.00
CA LEU D 144 -0.16 -22.78 5.35
C LEU D 144 -0.29 -21.63 6.33
N ILE D 145 -1.29 -21.64 7.21
CA ILE D 145 -1.47 -20.56 8.17
C ILE D 145 -0.52 -20.78 9.37
N GLY D 146 -0.35 -22.03 9.79
CA GLY D 146 0.57 -22.29 10.89
C GLY D 146 2.01 -21.88 10.58
N THR D 147 2.60 -22.40 9.48
CA THR D 147 4.00 -22.11 9.22
C THR D 147 4.25 -20.64 8.85
N ASN D 148 3.36 -20.06 8.04
CA ASN D 148 3.62 -18.75 7.46
C ASN D 148 3.27 -17.63 8.44
N ALA D 149 2.40 -17.92 9.39
CA ALA D 149 1.91 -16.83 10.25
C ALA D 149 1.88 -17.18 11.74
N ILE D 150 1.22 -18.30 12.13
CA ILE D 150 1.01 -18.55 13.54
CA ILE D 150 1.01 -18.59 13.54
C ILE D 150 2.33 -18.90 14.23
N ALA D 151 3.14 -19.76 13.62
CA ALA D 151 4.44 -20.10 14.18
C ALA D 151 5.30 -18.84 14.34
N PRO D 152 5.40 -17.97 13.30
CA PRO D 152 6.11 -16.71 13.48
C PRO D 152 5.66 -15.90 14.69
N PHE D 153 4.35 -15.85 14.90
CA PHE D 153 3.78 -15.09 16.01
C PHE D 153 4.21 -15.75 17.34
N LEU D 154 4.01 -17.07 17.43
CA LEU D 154 4.41 -17.79 18.64
C LEU D 154 5.92 -17.70 18.92
N LEU D 155 6.74 -17.87 17.88
CA LEU D 155 8.20 -17.70 18.00
C LEU D 155 8.59 -16.29 18.46
N THR D 156 7.91 -15.25 17.91
CA THR D 156 8.10 -13.87 18.33
C THR D 156 7.81 -13.70 19.83
N MET D 157 6.70 -14.30 20.26
CA MET D 157 6.22 -14.21 21.63
C MET D 157 7.22 -14.86 22.59
N SER D 158 7.75 -16.02 22.19
CA SER D 158 8.73 -16.75 23.01
C SER D 158 10.06 -16.00 23.03
N PHE D 159 10.47 -15.48 21.87
CA PHE D 159 11.67 -14.66 21.74
C PHE D 159 11.61 -13.48 22.71
N ALA D 160 10.51 -12.73 22.67
CA ALA D 160 10.35 -11.51 23.47
C ALA D 160 10.30 -11.87 24.96
N GLN D 161 9.68 -13.00 25.26
CA GLN D 161 9.44 -13.38 26.65
C GLN D 161 10.77 -13.73 27.30
N ARG D 162 11.64 -14.46 26.59
CA ARG D 162 12.94 -14.87 27.11
C ARG D 162 13.91 -13.69 27.19
N GLN D 163 13.54 -12.52 26.66
CA GLN D 163 14.37 -11.32 26.83
C GLN D 163 13.93 -10.58 28.11
N SER D 173 22.66 -4.55 23.64
CA SER D 173 22.12 -5.63 22.78
C SER D 173 21.50 -5.04 21.52
N ASN D 174 21.54 -5.80 20.43
CA ASN D 174 20.92 -5.44 19.16
C ASN D 174 20.00 -6.59 18.75
N LEU D 175 18.83 -6.61 19.38
CA LEU D 175 17.90 -7.72 19.25
C LEU D 175 17.02 -7.46 18.04
N SER D 176 16.81 -8.48 17.19
CA SER D 176 15.92 -8.17 16.08
C SER D 176 15.30 -9.43 15.51
N ILE D 177 14.17 -9.24 14.81
CA ILE D 177 13.48 -10.35 14.17
C ILE D 177 13.33 -9.98 12.71
N VAL D 178 13.56 -10.95 11.82
CA VAL D 178 13.34 -10.76 10.38
C VAL D 178 12.36 -11.82 9.89
N ASN D 179 11.26 -11.35 9.26
CA ASN D 179 10.24 -12.23 8.71
C ASN D 179 10.45 -12.33 7.22
N LEU D 180 10.43 -13.55 6.65
CA LEU D 180 10.47 -13.70 5.20
C LEU D 180 9.05 -13.60 4.64
N CYS D 181 8.79 -12.49 3.94
CA CYS D 181 7.48 -12.11 3.47
C CYS D 181 7.44 -12.44 1.98
N ASP D 182 6.66 -11.73 1.18
CA ASP D 182 6.56 -12.13 -0.23
C ASP D 182 6.23 -10.87 -1.01
N ALA D 183 7.11 -10.50 -1.95
CA ALA D 183 6.92 -9.27 -2.69
C ALA D 183 5.65 -9.30 -3.55
N MET D 184 5.12 -10.50 -3.88
CA MET D 184 4.01 -10.59 -4.82
C MET D 184 2.65 -10.73 -4.12
N VAL D 185 2.59 -10.32 -2.86
CA VAL D 185 1.44 -10.69 -2.03
C VAL D 185 0.20 -9.93 -2.52
N ASP D 186 0.40 -8.81 -3.26
CA ASP D 186 -0.72 -8.04 -3.77
C ASP D 186 -1.02 -8.34 -5.24
N GLN D 187 -0.24 -9.23 -5.86
CA GLN D 187 -0.52 -9.70 -7.20
C GLN D 187 -0.35 -11.22 -7.12
N PRO D 188 -1.22 -11.91 -6.36
CA PRO D 188 -0.96 -13.30 -5.99
C PRO D 188 -1.07 -14.28 -7.15
N CSX D 189 -0.37 -15.42 -7.00
CA CSX D 189 -0.57 -16.57 -7.85
CB CSX D 189 0.36 -17.72 -7.46
SG CSX D 189 2.07 -17.26 -7.86
C CSX D 189 -2.03 -17.05 -7.71
O CSX D 189 -2.57 -17.09 -6.62
OD CSX D 189 2.18 -17.43 -9.34
N MET D 190 -2.66 -17.37 -8.84
CA MET D 190 -3.99 -17.95 -8.91
C MET D 190 -4.04 -19.20 -8.04
N ALA D 191 -5.10 -19.36 -7.23
CA ALA D 191 -5.39 -20.55 -6.44
C ALA D 191 -4.48 -20.71 -5.22
N PHE D 192 -3.80 -19.63 -4.82
CA PHE D 192 -2.93 -19.69 -3.64
C PHE D 192 -3.51 -18.83 -2.51
N SER D 193 -4.82 -18.94 -2.26
CA SER D 193 -5.43 -18.03 -1.30
CA SER D 193 -5.49 -18.09 -1.29
C SER D 193 -4.89 -18.27 0.12
N LEU D 194 -4.77 -19.52 0.58
CA LEU D 194 -4.30 -19.72 1.95
C LEU D 194 -2.86 -19.26 2.15
N TYR D 195 -1.96 -19.55 1.20
CA TYR D 195 -0.59 -19.09 1.30
C TYR D 195 -0.57 -17.55 1.38
N ASN D 196 -1.34 -16.91 0.49
CA ASN D 196 -1.37 -15.46 0.40
CA ASN D 196 -1.32 -15.46 0.42
C ASN D 196 -1.88 -14.85 1.70
N MET D 197 -2.93 -15.48 2.26
CA MET D 197 -3.49 -15.06 3.54
C MET D 197 -2.43 -15.13 4.64
N GLY D 198 -1.66 -16.21 4.65
CA GLY D 198 -0.60 -16.35 5.63
C GLY D 198 0.48 -15.28 5.50
N LYS D 199 0.89 -14.99 4.26
CA LYS D 199 1.95 -14.01 4.03
C LYS D 199 1.42 -12.61 4.37
N HIS D 200 0.12 -12.36 4.11
CA HIS D 200 -0.44 -11.08 4.53
C HIS D 200 -0.42 -10.99 6.05
N ALA D 201 -0.88 -12.08 6.70
CA ALA D 201 -0.86 -12.09 8.16
C ALA D 201 0.55 -11.78 8.69
N LEU D 202 1.57 -12.29 8.00
CA LEU D 202 2.97 -12.07 8.39
C LEU D 202 3.37 -10.59 8.29
N VAL D 203 2.81 -9.88 7.29
CA VAL D 203 3.05 -8.45 7.21
C VAL D 203 2.42 -7.81 8.45
N GLY D 204 1.21 -8.22 8.80
CA GLY D 204 0.55 -7.62 9.96
C GLY D 204 1.34 -7.90 11.23
N LEU D 205 1.85 -9.13 11.36
CA LEU D 205 2.70 -9.47 12.51
C LEU D 205 3.93 -8.55 12.51
N THR D 206 4.55 -8.36 11.34
CA THR D 206 5.74 -7.51 11.26
C THR D 206 5.45 -6.12 11.84
N GLN D 207 4.33 -5.51 11.43
CA GLN D 207 3.99 -4.17 11.91
C GLN D 207 3.66 -4.16 13.40
N SER D 208 2.77 -5.07 13.80
CA SER D 208 2.23 -5.10 15.15
C SER D 208 3.36 -5.36 16.14
N ALA D 209 4.26 -6.32 15.81
CA ALA D 209 5.32 -6.62 16.78
C ALA D 209 6.39 -5.53 16.78
N ALA D 210 6.61 -4.88 15.63
CA ALA D 210 7.53 -3.76 15.63
C ALA D 210 7.03 -2.70 16.61
N LEU D 211 5.74 -2.36 16.52
CA LEU D 211 5.20 -1.34 17.41
C LEU D 211 5.36 -1.76 18.88
N GLU D 212 4.96 -3.00 19.18
CA GLU D 212 4.81 -3.47 20.56
C GLU D 212 6.16 -3.74 21.20
N LEU D 213 7.15 -4.22 20.41
CA LEU D 213 8.42 -4.63 20.97
C LEU D 213 9.48 -3.53 20.93
N ALA D 214 9.19 -2.41 20.23
CA ALA D 214 10.13 -1.29 20.16
C ALA D 214 10.58 -0.85 21.56
N PRO D 215 9.66 -0.67 22.54
CA PRO D 215 10.07 -0.16 23.86
C PRO D 215 11.03 -1.10 24.58
N TYR D 216 11.10 -2.38 24.14
CA TYR D 216 12.08 -3.33 24.66
C TYR D 216 13.35 -3.40 23.82
N GLY D 217 13.49 -2.52 22.81
CA GLY D 217 14.69 -2.48 21.99
C GLY D 217 14.77 -3.63 20.98
N ILE D 218 13.66 -4.35 20.75
CA ILE D 218 13.64 -5.40 19.74
C ILE D 218 13.06 -4.81 18.46
N ARG D 219 13.77 -4.94 17.34
CA ARG D 219 13.33 -4.39 16.05
C ARG D 219 12.72 -5.56 15.27
N VAL D 220 11.70 -5.26 14.45
CA VAL D 220 11.04 -6.34 13.73
C VAL D 220 10.87 -5.87 12.29
N ASN D 221 11.44 -6.63 11.34
CA ASN D 221 11.41 -6.16 9.96
C ASN D 221 11.16 -7.36 9.06
N GLY D 222 11.00 -7.08 7.76
CA GLY D 222 10.70 -8.13 6.81
C GLY D 222 11.61 -8.03 5.58
N VAL D 223 11.83 -9.17 4.95
CA VAL D 223 12.51 -9.25 3.65
C VAL D 223 11.54 -10.00 2.74
N ALA D 224 11.22 -9.41 1.58
CA ALA D 224 10.19 -9.94 0.71
C ALA D 224 10.79 -10.35 -0.63
N PRO D 225 11.20 -11.63 -0.81
CA PRO D 225 11.66 -12.11 -2.12
C PRO D 225 10.57 -12.00 -3.17
N GLY D 226 10.96 -11.76 -4.44
CA GLY D 226 10.06 -11.97 -5.55
C GLY D 226 10.07 -13.43 -6.04
N VAL D 227 10.82 -13.67 -7.12
CA VAL D 227 11.17 -15.04 -7.47
C VAL D 227 12.63 -15.25 -7.08
N SER D 228 12.84 -16.25 -6.25
CA SER D 228 14.17 -16.67 -5.87
C SER D 228 14.34 -18.12 -6.30
N LEU D 229 15.07 -18.89 -5.49
CA LEU D 229 15.26 -20.32 -5.75
C LEU D 229 13.92 -20.92 -6.16
N LEU D 230 13.84 -21.31 -7.43
CA LEU D 230 12.62 -21.84 -8.01
C LEU D 230 12.38 -23.25 -7.48
N PRO D 231 11.11 -23.74 -7.44
CA PRO D 231 10.80 -25.07 -6.89
C PRO D 231 11.51 -26.24 -7.56
N VAL D 232 11.63 -27.35 -6.80
CA VAL D 232 12.27 -28.59 -7.23
C VAL D 232 11.47 -29.23 -8.37
N ALA D 233 10.16 -29.42 -8.15
CA ALA D 233 9.30 -30.06 -9.13
C ALA D 233 8.74 -29.03 -10.12
N MET D 234 9.63 -28.32 -10.81
CA MET D 234 9.27 -27.37 -11.85
C MET D 234 10.26 -27.48 -13.01
N GLY D 235 9.71 -27.59 -14.23
CA GLY D 235 10.49 -27.75 -15.45
C GLY D 235 11.30 -26.51 -15.79
N GLU D 236 12.03 -26.57 -16.92
CA GLU D 236 12.98 -25.52 -17.27
C GLU D 236 12.38 -24.53 -18.26
N GLU D 237 11.35 -24.95 -19.01
CA GLU D 237 10.56 -24.01 -19.79
C GLU D 237 9.87 -23.04 -18.82
N GLU D 238 9.27 -23.60 -17.76
CA GLU D 238 8.46 -22.89 -16.78
C GLU D 238 9.34 -21.99 -15.90
N LYS D 239 10.59 -22.43 -15.68
CA LYS D 239 11.54 -21.64 -14.91
C LYS D 239 11.90 -20.38 -15.69
N ASP D 240 12.19 -20.56 -16.98
CA ASP D 240 12.58 -19.48 -17.88
C ASP D 240 11.40 -18.54 -18.13
N LYS D 241 10.17 -19.07 -18.01
CA LYS D 241 8.98 -18.24 -18.13
C LYS D 241 9.02 -17.16 -17.05
N TRP D 242 9.24 -17.60 -15.81
CA TRP D 242 9.32 -16.72 -14.65
C TRP D 242 10.51 -15.79 -14.75
N ARG D 243 11.66 -16.35 -15.16
CA ARG D 243 12.88 -15.55 -15.20
C ARG D 243 12.70 -14.35 -16.10
N ARG D 244 12.04 -14.55 -17.26
CA ARG D 244 11.92 -13.50 -18.27
C ARG D 244 11.03 -12.34 -17.81
N LYS D 245 10.28 -12.50 -16.73
CA LYS D 245 9.41 -11.44 -16.23
C LYS D 245 10.17 -10.47 -15.33
N VAL D 246 11.36 -10.86 -14.86
CA VAL D 246 12.10 -10.02 -13.93
C VAL D 246 12.84 -8.93 -14.70
N PRO D 247 12.47 -7.65 -14.50
CA PRO D 247 13.14 -6.53 -15.16
C PRO D 247 14.65 -6.50 -14.97
N LEU D 248 15.13 -6.76 -13.75
CA LEU D 248 16.55 -6.58 -13.46
C LEU D 248 17.28 -7.88 -13.74
N GLY D 249 17.72 -8.08 -14.98
CA GLY D 249 18.62 -9.18 -15.30
C GLY D 249 17.90 -10.44 -15.80
N ARG D 250 16.56 -10.41 -15.85
CA ARG D 250 15.78 -11.53 -16.36
C ARG D 250 16.24 -12.84 -15.70
N ARG D 251 16.35 -12.82 -14.37
CA ARG D 251 16.73 -14.02 -13.61
C ARG D 251 16.21 -13.88 -12.18
N GLU D 252 16.12 -15.03 -11.47
CA GLU D 252 15.69 -15.13 -10.08
C GLU D 252 16.81 -14.67 -9.13
N ALA D 253 16.43 -14.41 -7.88
CA ALA D 253 17.36 -14.09 -6.80
C ALA D 253 18.10 -15.34 -6.39
N SER D 254 19.43 -15.20 -6.23
CA SER D 254 20.23 -16.15 -5.48
C SER D 254 19.75 -16.14 -4.03
N ALA D 255 19.93 -17.26 -3.33
CA ALA D 255 19.57 -17.30 -1.92
C ALA D 255 20.45 -16.31 -1.17
N GLU D 256 21.68 -16.12 -1.66
CA GLU D 256 22.64 -15.25 -0.98
C GLU D 256 22.17 -13.80 -1.06
N GLN D 257 21.55 -13.43 -2.19
CA GLN D 257 21.02 -12.09 -2.37
C GLN D 257 19.90 -11.83 -1.38
N ILE D 258 19.10 -12.86 -1.07
CA ILE D 258 18.05 -12.71 -0.05
C ILE D 258 18.69 -12.57 1.33
N ALA D 259 19.66 -13.45 1.63
CA ALA D 259 20.38 -13.42 2.90
C ALA D 259 21.03 -12.07 3.15
N ASP D 260 21.49 -11.41 2.08
CA ASP D 260 22.17 -10.12 2.17
C ASP D 260 21.27 -9.09 2.84
N ALA D 261 19.98 -9.12 2.47
CA ALA D 261 18.99 -8.22 3.03
C ALA D 261 18.78 -8.52 4.51
N VAL D 262 18.75 -9.81 4.87
CA VAL D 262 18.56 -10.25 6.25
C VAL D 262 19.72 -9.73 7.09
N ILE D 263 20.97 -9.94 6.60
CA ILE D 263 22.19 -9.41 7.20
C ILE D 263 22.07 -7.91 7.48
N PHE D 264 21.66 -7.13 6.48
CA PHE D 264 21.52 -5.70 6.69
C PHE D 264 20.57 -5.37 7.84
N LEU D 265 19.39 -6.01 7.89
CA LEU D 265 18.37 -5.65 8.87
C LEU D 265 18.76 -6.01 10.31
N VAL D 266 19.60 -7.04 10.46
CA VAL D 266 20.00 -7.42 11.81
C VAL D 266 21.16 -6.56 12.30
N SER D 267 21.85 -5.90 11.35
CA SER D 267 23.13 -5.25 11.58
C SER D 267 22.97 -3.92 12.33
N GLY D 268 24.11 -3.36 12.76
CA GLY D 268 24.18 -2.04 13.37
C GLY D 268 23.83 -0.92 12.39
N SER D 269 23.84 -1.23 11.08
CA SER D 269 23.47 -0.24 10.08
C SER D 269 21.94 -0.09 9.96
N ALA D 270 21.17 -0.83 10.77
CA ALA D 270 19.71 -0.78 10.67
C ALA D 270 19.06 -0.47 12.01
N GLN D 271 19.81 0.15 12.93
CA GLN D 271 19.38 0.28 14.32
C GLN D 271 18.17 1.21 14.48
N TYR D 272 17.80 2.01 13.46
CA TYR D 272 16.60 2.83 13.55
C TYR D 272 15.49 2.28 12.64
N ILE D 273 15.73 1.12 12.02
CA ILE D 273 14.76 0.54 11.11
C ILE D 273 13.92 -0.49 11.86
N THR D 274 12.60 -0.22 11.97
CA THR D 274 11.68 -1.24 12.48
C THR D 274 10.34 -1.08 11.77
N GLY D 275 9.66 -2.22 11.55
CA GLY D 275 8.38 -2.21 10.88
C GLY D 275 8.53 -2.05 9.37
N SER D 276 9.72 -2.32 8.83
CA SER D 276 10.02 -2.07 7.42
C SER D 276 10.08 -3.40 6.71
N ILE D 277 9.57 -3.45 5.47
CA ILE D 277 9.74 -4.66 4.68
C ILE D 277 10.52 -4.29 3.42
N ILE D 278 11.66 -4.95 3.19
CA ILE D 278 12.52 -4.64 2.05
C ILE D 278 12.25 -5.66 0.95
N LYS D 279 11.73 -5.21 -0.19
CA LYS D 279 11.51 -6.12 -1.29
C LYS D 279 12.86 -6.37 -1.92
N VAL D 280 13.12 -7.65 -2.24
CA VAL D 280 14.32 -8.09 -2.95
C VAL D 280 13.85 -8.90 -4.16
N ASP D 281 13.36 -8.19 -5.17
CA ASP D 281 12.53 -8.79 -6.22
C ASP D 281 12.94 -8.42 -7.64
N GLY D 282 14.01 -7.63 -7.80
CA GLY D 282 14.50 -7.19 -9.11
C GLY D 282 13.46 -6.47 -9.96
N GLY D 283 12.48 -5.82 -9.30
CA GLY D 283 11.47 -5.06 -10.03
C GLY D 283 10.21 -5.90 -10.37
N LEU D 284 10.17 -7.17 -10.01
CA LEU D 284 9.10 -8.08 -10.46
C LEU D 284 7.69 -7.54 -10.11
N SER D 285 7.56 -7.00 -8.89
CA SER D 285 6.28 -6.51 -8.41
C SER D 285 5.85 -5.23 -9.15
N LEU D 286 6.74 -4.59 -9.91
CA LEU D 286 6.38 -3.36 -10.63
C LEU D 286 5.75 -3.66 -11.99
N VAL D 287 5.77 -4.93 -12.42
CA VAL D 287 5.45 -5.29 -13.80
C VAL D 287 3.95 -5.59 -13.95
N HIS D 288 3.24 -4.82 -14.81
CA HIS D 288 1.80 -5.04 -15.00
C HIS D 288 1.57 -6.33 -15.77
N ALA D 289 0.33 -6.84 -15.72
CA ALA D 289 -0.07 -8.07 -16.37
C ALA D 289 0.20 -8.00 -17.88
PA NDP E . -8.94 11.30 -21.81
O1A NDP E . -9.97 11.04 -22.86
O2A NDP E . -7.56 10.78 -22.06
O5B NDP E . -8.86 12.87 -21.43
C5B NDP E . -10.01 13.52 -20.86
C4B NDP E . -9.94 14.98 -21.22
O4B NDP E . -8.75 15.58 -20.68
C3B NDP E . -9.78 15.31 -22.72
O3B NDP E . -11.03 15.17 -23.41
C2B NDP E . -9.19 16.72 -22.72
O2B NDP E . -10.15 17.76 -22.98
C1B NDP E . -8.67 16.86 -21.27
N9A NDP E . -7.33 17.41 -21.24
C8A NDP E . -6.18 16.87 -21.77
N7A NDP E . -5.15 17.67 -21.72
C5A NDP E . -5.68 18.86 -21.20
C6A NDP E . -5.09 20.11 -20.93
N6A NDP E . -3.81 20.37 -21.19
N1A NDP E . -5.90 21.10 -20.48
C2A NDP E . -7.18 20.80 -20.21
N3A NDP E . -7.84 19.65 -20.40
C4A NDP E . -7.02 18.71 -20.91
O3 NDP E . -9.51 10.73 -20.42
PN NDP E . -10.40 9.42 -20.21
O1N NDP E . -9.79 8.33 -21.05
O2N NDP E . -11.83 9.82 -20.35
O5D NDP E . -10.09 9.11 -18.65
C5D NDP E . -10.74 9.92 -17.61
C4D NDP E . -9.89 9.92 -16.36
O4D NDP E . -9.65 8.54 -15.95
C3D NDP E . -8.49 10.55 -16.54
O3D NDP E . -8.10 11.29 -15.40
C2D NDP E . -7.60 9.32 -16.75
O2D NDP E . -6.23 9.46 -16.46
C1D NDP E . -8.27 8.29 -15.85
N1N NDP E . -7.98 6.89 -16.30
C2N NDP E . -8.52 6.43 -17.48
C3N NDP E . -8.24 5.18 -17.95
C7N NDP E . -8.83 4.71 -19.25
O7N NDP E . -8.75 3.52 -19.55
N7N NDP E . -9.39 5.59 -20.09
C4N NDP E . -7.38 4.27 -17.14
C5N NDP E . -6.76 4.91 -15.93
C6N NDP E . -7.21 6.07 -15.49
P2B NDP E . -10.39 18.23 -24.53
O1X NDP E . -11.48 19.30 -24.33
O2X NDP E . -9.13 18.80 -25.14
O3X NDP E . -10.88 16.98 -25.25
CAF A1IXO F . -5.58 5.56 -20.60
CAC A1IXO F . -5.63 6.83 -20.20
SAV A1IXO F . -6.23 8.16 -20.92
CAB A1IXO F . -5.84 9.19 -19.75
NAA A1IXO F . -6.07 10.49 -19.72
NAE A1IXO F . -5.24 8.51 -18.77
CAD A1IXO F . -5.11 7.20 -19.01
CAI A1IXO F . -4.56 6.29 -18.22
CAH A1IXO F . -4.48 4.96 -18.58
CAG A1IXO F . -5.01 4.59 -19.79
CAJ A1IXO F . -4.95 3.27 -20.20
OAK A1IXO F . -4.94 2.36 -19.38
NAL A1IXO F . -4.86 3.11 -21.53
CAM A1IXO F . -4.75 1.80 -22.18
CAN A1IXO F . -3.41 1.19 -21.82
CAO A1IXO F . -2.39 1.63 -22.66
CAP A1IXO F . -2.61 2.65 -23.60
CAQ A1IXO F . -1.56 3.06 -24.42
CLAU A1IXO F . -1.79 4.29 -25.60
CAR A1IXO F . -0.32 2.47 -24.29
CLAW A1IXO F . 0.96 3.00 -25.31
CAS A1IXO F . -0.09 1.48 -23.36
CAT A1IXO F . -1.13 1.06 -22.54
C1 EDO G . -18.92 11.10 -26.38
O1 EDO G . -18.91 10.06 -25.40
C2 EDO G . -17.55 11.14 -26.89
O2 EDO G . -16.92 10.20 -26.06
C1 EDO H . -25.13 5.48 -4.64
O1 EDO H . -24.65 4.69 -5.73
C2 EDO H . -26.48 6.11 -4.83
O2 EDO H . -26.57 6.93 -5.98
PA NDP I . -18.63 -6.96 16.87
O1A NDP I . -19.85 -6.32 17.45
O2A NDP I . -17.35 -6.91 17.63
O5B NDP I . -18.91 -8.48 16.43
C5B NDP I . -19.88 -8.80 15.40
C4B NDP I . -20.43 -10.19 15.69
O4B NDP I . -19.34 -11.13 15.57
C3B NDP I . -20.93 -10.46 17.11
O3B NDP I . -22.26 -10.00 17.36
C2B NDP I . -20.79 -11.99 17.25
O2B NDP I . -22.02 -12.74 17.14
C1B NDP I . -19.82 -12.34 16.11
N9A NDP I . -18.73 -13.18 16.58
C8A NDP I . -17.76 -12.91 17.50
N7A NDP I . -17.03 -13.95 17.82
C5A NDP I . -17.59 -15.00 17.11
C6A NDP I . -17.30 -16.38 17.03
N6A NDP I . -16.36 -17.03 17.73
N1A NDP I . -18.12 -17.15 16.26
C2A NDP I . -19.10 -16.54 15.57
N3A NDP I . -19.46 -15.26 15.55
C4A NDP I . -18.67 -14.54 16.36
O3 NDP I . -18.45 -6.28 15.40
PN NDP I . -18.88 -4.81 14.89
O1N NDP I . -18.28 -3.80 15.81
O2N NDP I . -20.34 -4.80 14.64
O5D NDP I . -18.07 -4.73 13.47
C5D NDP I . -18.46 -5.45 12.25
C4D NDP I . -17.23 -5.70 11.42
O4D NDP I . -16.51 -4.44 11.27
C3D NDP I . -16.22 -6.68 12.03
O3D NDP I . -15.66 -7.59 11.09
C2D NDP I . -15.17 -5.74 12.66
O2D NDP I . -13.86 -6.25 12.87
C1D NDP I . -15.17 -4.59 11.65
N1N NDP I . -14.69 -3.31 12.25
C2N NDP I . -15.39 -2.69 13.26
C3N NDP I . -14.96 -1.50 13.80
C7N NDP I . -15.85 -0.72 14.71
O7N NDP I . -15.46 0.40 15.04
N7N NDP I . -17.00 -1.21 15.14
C4N NDP I . -13.60 -1.01 13.45
C5N NDP I . -12.99 -1.65 12.27
C6N NDP I . -13.47 -2.79 11.82
P2B NDP I . -22.97 -13.02 18.44
O1X NDP I . -23.23 -11.73 19.15
O2X NDP I . -24.22 -13.60 17.86
O3X NDP I . -22.21 -13.99 19.30
CAF A1IXO J . -13.65 -2.22 17.19
CAC A1IXO J . -13.87 -3.45 16.72
SAV A1IXO J . -15.05 -4.55 17.08
CAB A1IXO J . -14.51 -5.68 16.07
NAA A1IXO J . -15.04 -6.88 15.87
NAE A1IXO J . -13.42 -5.24 15.45
CAD A1IXO J . -13.05 -3.99 15.80
CAI A1IXO J . -12.01 -3.30 15.36
CAH A1IXO J . -11.74 -2.02 15.80
CAG A1IXO J . -12.58 -1.47 16.74
CAJ A1IXO J . -12.36 -0.19 17.22
OAK A1IXO J . -11.78 0.66 16.53
NAL A1IXO J . -12.82 0.04 18.45
CAM A1IXO J . -12.71 1.33 19.16
CAN A1IXO J . -11.25 1.75 19.32
CAO A1IXO J . -10.63 1.01 20.32
CAP A1IXO J . -11.35 0.28 21.25
CAQ A1IXO J . -10.68 -0.45 22.24
CLAU A1IXO J . -11.56 -1.38 23.40
CAR A1IXO J . -9.29 -0.43 22.30
CLAW A1IXO J . -8.45 -1.30 23.51
CAS A1IXO J . -8.58 0.32 21.37
CAT A1IXO J . -9.24 1.03 20.38
PA NDP K . 16.58 20.19 4.04
O1A NDP K . 17.45 20.67 5.15
O2A NDP K . 15.14 20.59 4.05
O5B NDP K . 17.23 20.57 2.63
C5B NDP K . 18.26 19.71 2.08
C4B NDP K . 19.10 20.48 1.09
O4B NDP K . 18.37 20.68 -0.14
C3B NDP K . 19.51 21.90 1.49
O3B NDP K . 20.65 21.90 2.35
C2B NDP K . 19.78 22.57 0.13
O2B NDP K . 21.16 22.62 -0.24
C1B NDP K . 18.99 21.72 -0.86
N9A NDP K . 17.96 22.47 -1.57
C8A NDP K . 16.75 22.88 -1.09
N7A NDP K . 16.05 23.57 -1.95
C5A NDP K . 16.87 23.63 -3.08
C6A NDP K . 16.69 24.22 -4.34
N6A NDP K . 15.62 24.91 -4.70
N1A NDP K . 17.71 24.09 -5.24
C2A NDP K . 18.79 23.41 -4.88
N3A NDP K . 19.07 22.81 -3.72
C4A NDP K . 18.06 22.95 -2.85
O3 NDP K . 16.66 18.59 4.00
PN NDP K . 16.87 17.48 5.14
O1N NDP K . 16.09 17.88 6.35
O2N NDP K . 18.33 17.22 5.30
O5D NDP K . 16.19 16.21 4.46
C5D NDP K . 16.97 15.37 3.57
C4D NDP K . 16.03 14.53 2.74
O4D NDP K . 15.28 13.64 3.61
C3D NDP K . 14.98 15.30 1.93
O3D NDP K . 14.74 14.70 0.67
C2D NDP K . 13.77 15.23 2.86
O2D NDP K . 12.54 15.45 2.19
C1D NDP K . 13.90 13.81 3.39
N1N NDP K . 13.19 13.63 4.69
C2N NDP K . 13.72 14.11 5.86
C3N NDP K . 12.94 14.32 6.95
C7N NDP K . 13.58 14.90 8.17
O7N NDP K . 13.12 14.63 9.28
N7N NDP K . 14.63 15.70 8.01
C4N NDP K . 11.50 13.98 6.87
C5N NDP K . 11.12 13.20 5.69
C6N NDP K . 11.98 12.97 4.72
P2B NDP K . 21.82 24.09 0.00
O1X NDP K . 23.12 24.11 -0.78
O2X NDP K . 20.86 25.15 -0.49
O3X NDP K . 22.05 24.18 1.48
PA NDP L . 11.09 -23.48 0.96
O1A NDP L . 12.29 -24.19 0.44
O2A NDP L . 9.81 -23.71 0.21
O5B NDP L . 10.82 -23.84 2.49
C5B NDP L . 11.70 -23.50 3.57
C4B NDP L . 11.60 -24.58 4.62
O4B NDP L . 10.33 -24.49 5.31
C3B NDP L . 11.59 -26.03 4.11
O3B NDP L . 12.88 -26.51 3.77
C2B NDP L . 10.93 -26.80 5.25
O2B NDP L . 11.80 -27.48 6.17
C1B NDP L . 10.22 -25.69 6.05
N9A NDP L . 8.85 -26.07 6.33
C8A NDP L . 7.83 -26.37 5.45
N7A NDP L . 6.75 -26.81 6.07
C5A NDP L . 7.11 -26.87 7.40
C6A NDP L . 6.42 -27.27 8.57
N6A NDP L . 5.17 -27.75 8.57
N1A NDP L . 7.10 -27.25 9.74
C2A NDP L . 8.37 -26.79 9.76
N3A NDP L . 9.11 -26.35 8.73
C4A NDP L . 8.41 -26.42 7.58
O3 NDP L . 11.39 -21.91 1.06
PN NDP L . 12.36 -20.97 0.21
O1N NDP L . 11.98 -21.16 -1.23
O2N NDP L . 13.74 -21.29 0.69
O5D NDP L . 11.95 -19.50 0.71
C5D NDP L . 12.29 -19.00 2.05
C4D NDP L . 11.27 -17.96 2.49
O4D NDP L . 11.13 -16.91 1.49
C3D NDP L . 9.85 -18.50 2.74
O3D NDP L . 9.19 -17.93 3.88
C2D NDP L . 9.11 -18.11 1.46
O2D NDP L . 7.69 -17.99 1.61
C1D NDP L . 9.78 -16.80 1.07
N1N NDP L . 9.71 -16.56 -0.41
C2N NDP L . 10.32 -17.41 -1.31
C3N NDP L . 10.40 -17.13 -2.65
C7N NDP L . 11.16 -18.03 -3.53
O7N NDP L . 11.25 -17.73 -4.73
N7N NDP L . 11.73 -19.13 -3.03
C4N NDP L . 9.64 -15.95 -3.17
C5N NDP L . 8.73 -15.37 -2.17
C6N NDP L . 9.00 -15.48 -0.89
P2B NDP L . 12.28 -29.04 5.95
O1X NDP L . 12.91 -29.12 4.58
O2X NDP L . 13.27 -29.27 7.05
O3X NDP L . 11.09 -29.94 6.09
CAF A1IXO M . 8.08 -19.77 -4.07
CAC A1IXO M . 8.00 -20.00 -2.77
SAV A1IXO M . 8.64 -21.22 -1.83
CAB A1IXO M . 8.04 -20.70 -0.45
NAA A1IXO M . 8.21 -21.28 0.72
NAE A1IXO M . 7.35 -19.58 -0.67
CAD A1IXO M . 7.32 -19.19 -1.95
CAI A1IXO M . 6.71 -18.13 -2.46
CAH A1IXO M . 6.74 -17.82 -3.80
CAG A1IXO M . 7.45 -18.66 -4.63
CAJ A1IXO M . 7.51 -18.39 -5.99
OAK A1IXO M . 7.29 -17.26 -6.43
NAL A1IXO M . 7.76 -19.44 -6.77
CAM A1IXO M . 7.82 -19.34 -8.23
CAN A1IXO M . 6.43 -19.58 -8.82
#